data_6U2H
#
_entry.id   6U2H
#
_cell.length_a   61.504
_cell.length_b   115.752
_cell.length_c   153.092
_cell.angle_alpha   90.000
_cell.angle_beta   90.000
_cell.angle_gamma   90.000
#
_symmetry.space_group_name_H-M   'P 21 21 21'
#
loop_
_entity.id
_entity.type
_entity.pdbx_description
1 polymer '14-3-3 protein zeta/delta'
2 polymer 'Serine/threonine-protein kinase B-raf'
3 non-polymer 2-{4-[(1E)-1-(hydroxyimino)-2,3-dihydro-1H-inden-5-yl]-3-(pyridin-4-yl)-1H-pyrazol-1-yl}ethanol
4 water water
#
loop_
_entity_poly.entity_id
_entity_poly.type
_entity_poly.pdbx_seq_one_letter_code
_entity_poly.pdbx_strand_id
1 'polypeptide(L)'
;GSMDKNELVQKAKLAEQAERYDDMAACMKSVTEQGAELSNEERNLLSVAYKNVVGARRSSWRVVSSIEQKTEGAEKKQQM
AREYREKIETELRDICNDVLSLLEKFLIPNASQAESKVFYLKMKGDYYRYLAEVAAGDDKKGIVDQSQQAYQEAFEISKK
EMQPTHPIRLGLALNFSVFYYEILNSPEKACSLAKTAFDEAIAELDTLSEESYKDSTLIMQLLRDNLTLWTS
;
A,B
2 'polypeptide(L)'
;GSDDWEIPDGQITVGQRIGSGSFGTVYKGKWHGDVAVKMLNVTAPTPQQLQAFKNEVGVLRKTRHVNILLFMGYSTKPQL
AIVTQWCEGSSLYHHLHASETKFEMKKLIDIARQTARGMDYLHAKSIIHRDLKSNNIFLHEDNTVKIGDFGLATVKSRWS
GSHQFEQLSGSILWMAPEVIRMQDSNPYSFQSDVYAFGIVLYELMTGQLPYSNINNRDQIIEMVGRGSLSPDLSKVRSNC
PKRMKRLMAECLKKKRDERPSFPRILAEIEELARELPKIHRSA(SEP)EPSLNR
;
C,D
#
loop_
_chem_comp.id
_chem_comp.type
_chem_comp.name
_chem_comp.formula
29L non-polymer 2-{4-[(1E)-1-(hydroxyimino)-2,3-dihydro-1H-inden-5-yl]-3-(pyridin-4-yl)-1H-pyrazol-1-yl}ethanol 'C19 H18 N4 O2'
#
# COMPACT_ATOMS: atom_id res chain seq x y z
N MET A 3 32.52 28.08 4.56
CA MET A 3 32.39 28.26 6.01
C MET A 3 31.10 28.85 6.39
N ASP A 4 30.69 29.64 5.43
CA ASP A 4 29.62 30.55 5.70
C ASP A 4 28.38 29.75 6.02
N LYS A 5 27.58 30.34 6.88
CA LYS A 5 26.37 29.67 7.32
C LYS A 5 25.49 29.33 6.13
N ASN A 6 25.37 30.25 5.18
CA ASN A 6 24.52 29.98 4.03
C ASN A 6 25.15 28.93 3.11
N GLU A 7 26.49 28.89 3.00
CA GLU A 7 27.09 27.82 2.22
C GLU A 7 26.86 26.47 2.87
N LEU A 8 26.84 26.44 4.20
CA LEU A 8 26.58 25.20 4.91
C LEU A 8 25.13 24.76 4.70
N VAL A 9 24.20 25.71 4.72
CA VAL A 9 22.81 25.38 4.47
C VAL A 9 22.61 24.86 3.05
N GLN A 10 23.31 25.47 2.08
CA GLN A 10 23.17 25.01 0.70
C GLN A 10 23.78 23.64 0.49
N LYS A 11 24.95 23.38 1.09
CA LYS A 11 25.52 22.05 0.92
C LYS A 11 24.69 21.02 1.69
N ALA A 12 24.00 21.44 2.75
CA ALA A 12 23.07 20.56 3.44
C ALA A 12 21.93 20.17 2.52
N LYS A 13 21.37 21.15 1.79
CA LYS A 13 20.30 20.83 0.83
C LYS A 13 20.81 19.93 -0.28
N LEU A 14 22.07 20.12 -0.70
CA LEU A 14 22.60 19.27 -1.76
C LEU A 14 22.84 17.85 -1.25
N ALA A 15 23.29 17.71 0.00
CA ALA A 15 23.41 16.39 0.62
C ALA A 15 22.03 15.74 0.79
N GLU A 16 21.01 16.55 1.07
CA GLU A 16 19.65 16.03 1.12
C GLU A 16 19.21 15.52 -0.25
N GLN A 17 19.62 16.20 -1.32
CA GLN A 17 19.19 15.76 -2.65
C GLN A 17 19.91 14.48 -3.06
N ALA A 18 21.16 14.31 -2.64
CA ALA A 18 21.92 13.11 -2.93
C ALA A 18 21.69 12.01 -1.92
N GLU A 19 20.81 12.25 -0.94
CA GLU A 19 20.50 11.27 0.10
C GLU A 19 21.77 10.82 0.83
N ARG A 20 22.62 11.79 1.16
CA ARG A 20 23.78 11.54 2.01
C ARG A 20 23.46 12.31 3.28
N TYR A 21 22.68 11.65 4.15
CA TYR A 21 22.14 12.28 5.34
C TYR A 21 23.20 12.52 6.40
N ASP A 22 24.27 11.73 6.41
CA ASP A 22 25.37 12.05 7.32
C ASP A 22 26.00 13.39 6.97
N ASP A 23 26.14 13.67 5.66
CA ASP A 23 26.67 14.98 5.25
C ASP A 23 25.72 16.11 5.60
N MET A 24 24.41 15.91 5.35
CA MET A 24 23.45 16.95 5.70
C MET A 24 23.46 17.22 7.19
N ALA A 25 23.54 16.14 7.99
CA ALA A 25 23.60 16.29 9.44
C ALA A 25 24.84 17.08 9.87
N ALA A 26 26.00 16.74 9.30
CA ALA A 26 27.22 17.48 9.64
C ALA A 26 27.08 18.96 9.30
N CYS A 27 26.54 19.26 8.10
CA CYS A 27 26.37 20.66 7.71
C CYS A 27 25.47 21.39 8.70
N MET A 28 24.34 20.79 9.03
CA MET A 28 23.44 21.46 9.94
C MET A 28 24.00 21.57 11.34
N LYS A 29 24.77 20.58 11.77
CA LYS A 29 25.42 20.69 13.07
C LYS A 29 26.39 21.86 13.09
N SER A 30 27.12 22.07 11.99
CA SER A 30 27.99 23.23 11.91
C SER A 30 27.17 24.52 11.98
N VAL A 31 26.05 24.56 11.25
CA VAL A 31 25.21 25.75 11.25
C VAL A 31 24.68 26.06 12.65
N THR A 32 24.26 25.03 13.40
CA THR A 32 23.74 25.28 14.75
C THR A 32 24.84 25.60 15.74
N GLU A 33 26.06 25.12 15.52
CA GLU A 33 27.15 25.45 16.43
C GLU A 33 27.64 26.90 16.31
N GLN A 34 27.22 27.63 15.27
CA GLN A 34 27.60 29.05 15.16
C GLN A 34 26.97 29.90 16.26
N GLY A 35 25.87 29.47 16.86
CA GLY A 35 25.31 30.13 18.01
C GLY A 35 24.06 30.95 17.74
N ALA A 36 23.77 31.27 16.49
CA ALA A 36 22.60 32.10 16.21
C ALA A 36 21.34 31.24 16.23
N GLU A 37 20.21 31.89 16.52
CA GLU A 37 18.94 31.19 16.47
C GLU A 37 18.69 30.73 15.05
N LEU A 38 18.23 29.50 14.90
CA LEU A 38 18.06 29.00 13.54
C LEU A 38 16.77 29.52 12.93
N SER A 39 16.75 29.54 11.61
CA SER A 39 15.55 29.91 10.90
C SER A 39 14.62 28.70 10.85
N ASN A 40 13.41 28.91 10.34
CA ASN A 40 12.48 27.79 10.27
C ASN A 40 12.98 26.73 9.29
N GLU A 41 13.51 27.15 8.14
CA GLU A 41 14.07 26.21 7.19
C GLU A 41 15.30 25.51 7.78
N GLU A 42 16.17 26.26 8.45
CA GLU A 42 17.37 25.67 9.04
C GLU A 42 16.99 24.67 10.13
N ARG A 43 15.98 25.02 10.94
CA ARG A 43 15.45 24.09 11.94
C ARG A 43 14.98 22.80 11.30
N ASN A 44 14.21 22.93 10.21
CA ASN A 44 13.65 21.72 9.61
C ASN A 44 14.72 20.89 8.91
N LEU A 45 15.75 21.55 8.35
CA LEU A 45 16.84 20.78 7.75
C LEU A 45 17.63 20.00 8.81
N LEU A 46 17.88 20.62 9.96
CA LEU A 46 18.58 19.90 11.03
C LEU A 46 17.74 18.71 11.50
N SER A 47 16.43 18.95 11.68
CA SER A 47 15.53 17.90 12.11
C SER A 47 15.52 16.73 11.13
N VAL A 48 15.32 17.02 9.83
CA VAL A 48 15.29 15.98 8.81
C VAL A 48 16.60 15.20 8.80
N ALA A 49 17.73 15.92 8.87
CA ALA A 49 19.02 15.27 8.79
C ALA A 49 19.20 14.27 9.91
N TYR A 50 19.02 14.72 11.15
CA TYR A 50 19.28 13.80 12.24
C TYR A 50 18.21 12.73 12.31
N LYS A 51 16.98 13.02 11.85
CA LYS A 51 15.96 11.99 11.87
C LYS A 51 16.32 10.85 10.92
N ASN A 52 16.88 11.18 9.76
CA ASN A 52 17.31 10.10 8.85
C ASN A 52 18.54 9.37 9.40
N VAL A 53 19.50 10.13 9.93
CA VAL A 53 20.73 9.53 10.47
C VAL A 53 20.39 8.52 11.55
N VAL A 54 19.52 8.89 12.48
CA VAL A 54 19.18 8.00 13.58
C VAL A 54 18.18 6.92 13.13
N GLY A 55 17.32 7.20 12.14
CA GLY A 55 16.36 6.20 11.70
C GLY A 55 17.02 5.01 11.05
N ALA A 56 18.09 5.23 10.30
CA ALA A 56 18.82 4.09 9.73
C ALA A 56 19.26 3.13 10.83
N ARG A 57 19.78 3.68 11.93
CA ARG A 57 20.26 2.85 13.03
C ARG A 57 19.12 2.21 13.80
N ARG A 58 18.02 2.93 13.99
CA ARG A 58 16.87 2.34 14.66
C ARG A 58 16.36 1.13 13.89
N SER A 59 16.23 1.26 12.57
CA SER A 59 15.75 0.14 11.76
C SER A 59 16.73 -1.04 11.81
N SER A 60 18.03 -0.77 11.63
CA SER A 60 19.02 -1.85 11.66
C SER A 60 19.08 -2.51 13.04
N TRP A 61 18.99 -1.69 14.11
CA TRP A 61 18.96 -2.20 15.46
C TRP A 61 17.78 -3.13 15.67
N ARG A 62 16.60 -2.73 15.19
CA ARG A 62 15.44 -3.60 15.35
C ARG A 62 15.67 -4.94 14.66
N VAL A 63 16.21 -4.91 13.43
CA VAL A 63 16.41 -6.16 12.70
C VAL A 63 17.36 -7.08 13.44
N VAL A 64 18.54 -6.58 13.82
CA VAL A 64 19.50 -7.50 14.41
C VAL A 64 19.12 -7.86 15.85
N SER A 65 18.41 -6.98 16.56
CA SER A 65 17.90 -7.33 17.88
C SER A 65 16.92 -8.49 17.79
N SER A 66 15.97 -8.39 16.86
CA SER A 66 15.03 -9.49 16.62
C SER A 66 15.77 -10.78 16.32
N ILE A 67 16.76 -10.72 15.43
CA ILE A 67 17.55 -11.92 15.15
C ILE A 67 18.23 -12.44 16.41
N GLU A 68 18.72 -11.52 17.25
CA GLU A 68 19.40 -11.90 18.49
C GLU A 68 18.52 -12.71 19.44
N GLN A 69 17.30 -12.25 19.69
CA GLN A 69 16.44 -13.00 20.61
C GLN A 69 15.92 -14.28 19.98
N LYS A 70 15.67 -14.28 18.67
CA LYS A 70 15.12 -15.44 18.00
C LYS A 70 16.18 -16.48 17.60
N THR A 71 17.45 -16.34 18.01
CA THR A 71 18.47 -17.36 17.78
C THR A 71 18.67 -18.22 19.02
N GLU A 72 18.20 -19.47 18.95
CA GLU A 72 18.23 -20.41 20.08
C GLU A 72 19.39 -21.42 20.01
N GLY A 73 19.38 -22.32 19.04
CA GLY A 73 20.38 -23.40 18.98
C GLY A 73 21.83 -22.93 19.02
N ALA A 74 22.15 -22.08 18.07
CA ALA A 74 23.51 -21.56 17.93
C ALA A 74 23.84 -20.57 19.03
N GLU A 75 24.82 -20.93 19.86
CA GLU A 75 25.31 -20.04 20.88
C GLU A 75 26.34 -19.06 20.33
N LYS A 76 27.12 -19.47 19.31
CA LYS A 76 28.08 -18.58 18.68
C LYS A 76 27.41 -17.54 17.79
N LYS A 77 26.39 -17.94 17.04
CA LYS A 77 25.66 -17.00 16.19
C LYS A 77 24.96 -15.93 17.02
N GLN A 78 24.35 -16.33 18.13
CA GLN A 78 23.66 -15.35 18.98
C GLN A 78 24.64 -14.38 19.59
N GLN A 79 25.86 -14.85 19.88
CA GLN A 79 26.92 -13.95 20.34
C GLN A 79 27.28 -12.93 19.28
N MET A 80 27.34 -13.34 18.01
CA MET A 80 27.66 -12.42 16.94
C MET A 80 26.56 -11.39 16.75
N ALA A 81 25.30 -11.82 16.79
CA ALA A 81 24.22 -10.86 16.65
C ALA A 81 24.20 -9.89 17.82
N ARG A 82 24.56 -10.36 19.02
CA ARG A 82 24.61 -9.47 20.17
C ARG A 82 25.70 -8.41 20.00
N GLU A 83 26.87 -8.83 19.53
CA GLU A 83 27.97 -7.88 19.38
C GLU A 83 27.71 -6.87 18.26
N TYR A 84 27.10 -7.31 17.16
CA TYR A 84 26.72 -6.37 16.10
C TYR A 84 25.60 -5.43 16.57
N ARG A 85 24.66 -5.94 17.36
CA ARG A 85 23.64 -5.08 17.93
C ARG A 85 24.27 -4.01 18.80
N GLU A 86 25.31 -4.36 19.56
CA GLU A 86 25.95 -3.34 20.39
C GLU A 86 26.73 -2.34 19.53
N LYS A 87 27.30 -2.77 18.40
CA LYS A 87 27.94 -1.80 17.51
C LYS A 87 26.93 -0.77 17.01
N ILE A 88 25.80 -1.27 16.50
CA ILE A 88 24.74 -0.37 16.02
C ILE A 88 24.24 0.50 17.17
N GLU A 89 24.05 -0.10 18.35
CA GLU A 89 23.60 0.63 19.52
C GLU A 89 24.53 1.78 19.88
N THR A 90 25.85 1.52 19.86
CA THR A 90 26.81 2.58 20.15
C THR A 90 26.64 3.72 19.15
N GLU A 91 26.54 3.40 17.87
CA GLU A 91 26.30 4.46 16.88
C GLU A 91 25.04 5.24 17.21
N LEU A 92 23.94 4.52 17.43
CA LEU A 92 22.64 5.10 17.80
C LEU A 92 22.79 6.10 18.94
N ARG A 93 23.39 5.64 20.05
CA ARG A 93 23.57 6.49 21.21
C ARG A 93 24.40 7.72 20.88
N ASP A 94 25.49 7.56 20.14
CA ASP A 94 26.30 8.72 19.80
C ASP A 94 25.49 9.75 19.03
N ILE A 95 24.69 9.28 18.06
CA ILE A 95 23.86 10.21 17.29
C ILE A 95 22.90 10.95 18.21
N CYS A 96 22.22 10.21 19.10
CA CYS A 96 21.27 10.85 20.01
C CYS A 96 21.95 11.81 20.97
N ASN A 97 23.13 11.45 21.48
CA ASN A 97 23.86 12.31 22.40
C ASN A 97 24.34 13.57 21.70
N ASP A 98 24.73 13.44 20.43
CA ASP A 98 25.06 14.60 19.61
C ASP A 98 23.88 15.55 19.54
N VAL A 99 22.68 15.00 19.27
CA VAL A 99 21.53 15.87 19.05
C VAL A 99 21.10 16.49 20.38
N LEU A 100 21.14 15.72 21.46
CA LEU A 100 20.73 16.24 22.76
C LEU A 100 21.72 17.28 23.26
N SER A 101 23.00 17.14 22.94
CA SER A 101 23.97 18.18 23.27
C SER A 101 23.68 19.45 22.48
N LEU A 102 23.34 19.31 21.20
CA LEU A 102 22.99 20.47 20.41
C LEU A 102 21.76 21.17 20.99
N LEU A 103 20.80 20.39 21.46
CA LEU A 103 19.61 20.98 22.02
C LEU A 103 19.91 21.75 23.27
N GLU A 104 20.56 21.11 24.22
CA GLU A 104 20.88 21.70 25.50
C GLU A 104 21.80 22.90 25.44
N LYS A 105 22.80 22.84 24.59
CA LYS A 105 23.77 23.91 24.51
C LYS A 105 23.41 25.07 23.62
N PHE A 106 22.64 24.85 22.58
CA PHE A 106 22.36 25.96 21.68
C PHE A 106 20.86 26.17 21.44
N LEU A 107 20.17 25.11 21.05
CA LEU A 107 18.80 25.26 20.54
C LEU A 107 17.84 25.71 21.64
N ILE A 108 17.71 24.90 22.70
CA ILE A 108 16.81 25.24 23.79
C ILE A 108 17.11 26.62 24.42
N PRO A 109 18.37 26.94 24.78
CA PRO A 109 18.60 28.26 25.40
C PRO A 109 18.31 29.45 24.50
N ASN A 110 18.48 29.31 23.18
CA ASN A 110 18.29 30.42 22.25
C ASN A 110 16.87 30.52 21.71
N ALA A 111 15.93 29.73 22.21
CA ALA A 111 14.58 29.75 21.66
C ALA A 111 13.81 30.88 22.32
N SER A 112 13.62 31.96 21.57
CA SER A 112 12.91 33.11 22.10
C SER A 112 11.42 32.83 22.12
N GLN A 113 10.86 32.52 20.96
CA GLN A 113 9.43 32.30 20.81
C GLN A 113 8.95 31.00 21.43
N ALA A 114 7.65 30.88 21.64
CA ALA A 114 7.11 29.65 22.22
C ALA A 114 7.12 28.51 21.22
N GLU A 115 6.74 28.80 19.97
CA GLU A 115 6.84 27.84 18.87
C GLU A 115 8.16 27.08 18.88
N SER A 116 9.25 27.84 18.88
CA SER A 116 10.59 27.26 18.88
C SER A 116 10.83 26.41 20.11
N LYS A 117 10.37 26.86 21.28
CA LYS A 117 10.76 26.16 22.50
C LYS A 117 9.98 24.87 22.68
N VAL A 118 8.73 24.82 22.18
CA VAL A 118 8.03 23.54 22.16
C VAL A 118 8.62 22.63 21.10
N PHE A 119 9.02 23.17 19.95
CA PHE A 119 9.62 22.34 18.91
C PHE A 119 10.89 21.67 19.43
N TYR A 120 11.77 22.45 20.06
CA TYR A 120 13.03 21.89 20.54
C TYR A 120 12.84 21.00 21.78
N LEU A 121 11.90 21.32 22.67
CA LEU A 121 11.69 20.42 23.80
C LEU A 121 11.11 19.09 23.35
N LYS A 122 10.29 19.12 22.30
CA LYS A 122 9.75 17.90 21.72
C LYS A 122 10.84 17.08 21.02
N MET A 123 11.78 17.77 20.36
CA MET A 123 12.91 17.05 19.78
C MET A 123 13.76 16.38 20.88
N LYS A 124 13.85 17.03 22.03
CA LYS A 124 14.59 16.47 23.13
C LYS A 124 13.86 15.23 23.62
N GLY A 125 12.54 15.29 23.70
CA GLY A 125 11.78 14.11 24.09
C GLY A 125 11.94 12.97 23.10
N ASP A 126 11.99 13.30 21.80
CA ASP A 126 12.14 12.26 20.78
C ASP A 126 13.47 11.55 20.89
N TYR A 127 14.56 12.29 21.04
CA TYR A 127 15.86 11.62 21.07
C TYR A 127 16.10 10.88 22.39
N TYR A 128 15.59 11.39 23.50
CA TYR A 128 15.63 10.56 24.70
C TYR A 128 14.75 9.32 24.54
N ARG A 129 13.67 9.42 23.74
CA ARG A 129 12.83 8.24 23.52
C ARG A 129 13.55 7.20 22.66
N TYR A 130 14.33 7.67 21.69
CA TYR A 130 15.14 6.73 20.92
C TYR A 130 16.20 6.08 21.80
N LEU A 131 16.72 6.83 22.78
CA LEU A 131 17.65 6.21 23.71
C LEU A 131 16.94 5.24 24.65
N ALA A 132 15.66 5.50 24.94
CA ALA A 132 14.87 4.60 25.76
C ALA A 132 14.57 3.30 25.03
N GLU A 133 14.42 3.36 23.71
CA GLU A 133 14.11 2.15 22.94
C GLU A 133 15.21 1.10 23.01
N VAL A 134 16.40 1.47 23.48
CA VAL A 134 17.49 0.48 23.48
C VAL A 134 18.19 0.41 24.82
N ALA A 135 17.89 1.36 25.71
CA ALA A 135 18.52 1.34 27.02
C ALA A 135 18.00 0.15 27.82
N ALA A 136 18.89 -0.48 28.58
CA ALA A 136 18.54 -1.67 29.33
C ALA A 136 18.95 -1.55 30.79
N GLY A 137 17.96 -1.54 31.67
CA GLY A 137 18.12 -1.64 33.11
C GLY A 137 18.63 -0.49 33.98
N ASP A 138 19.92 -0.15 33.90
CA ASP A 138 20.43 0.87 34.82
C ASP A 138 20.10 2.31 34.45
N ASP A 139 20.54 2.76 33.28
CA ASP A 139 20.23 4.13 32.88
C ASP A 139 18.86 4.26 32.25
N LYS A 140 18.17 3.15 32.03
CA LYS A 140 16.84 3.18 31.42
C LYS A 140 15.92 4.17 32.14
N LYS A 141 15.76 4.01 33.46
CA LYS A 141 14.83 4.87 34.17
C LYS A 141 15.16 6.34 34.02
N GLY A 142 16.44 6.70 34.15
CA GLY A 142 16.85 8.08 33.98
C GLY A 142 16.48 8.64 32.62
N ILE A 143 16.78 7.86 31.57
CA ILE A 143 16.50 8.31 30.21
C ILE A 143 14.99 8.43 29.97
N VAL A 144 14.21 7.45 30.43
CA VAL A 144 12.75 7.52 30.28
C VAL A 144 12.22 8.78 30.97
N ASP A 145 12.71 9.05 32.18
CA ASP A 145 12.28 10.25 32.90
C ASP A 145 12.65 11.52 32.15
N GLN A 146 13.86 11.59 31.59
CA GLN A 146 14.23 12.80 30.87
C GLN A 146 13.38 12.98 29.63
N SER A 147 13.04 11.88 28.95
CA SER A 147 12.13 11.95 27.82
C SER A 147 10.79 12.51 28.24
N GLN A 148 10.19 11.89 29.26
CA GLN A 148 8.88 12.33 29.72
C GLN A 148 8.89 13.78 30.19
N GLN A 149 9.96 14.20 30.86
CA GLN A 149 10.04 15.55 31.38
C GLN A 149 10.06 16.58 30.23
N ALA A 150 10.91 16.34 29.23
CA ALA A 150 10.94 17.26 28.09
C ALA A 150 9.60 17.28 27.36
N TYR A 151 9.04 16.09 27.13
CA TYR A 151 7.73 15.98 26.49
C TYR A 151 6.69 16.78 27.27
N GLN A 152 6.67 16.61 28.59
CA GLN A 152 5.67 17.23 29.45
C GLN A 152 5.77 18.74 29.45
N GLU A 153 6.98 19.29 29.52
CA GLU A 153 7.12 20.74 29.50
C GLU A 153 6.68 21.29 28.15
N ALA A 154 7.03 20.62 27.07
CA ALA A 154 6.60 21.09 25.75
C ALA A 154 5.09 20.99 25.62
N PHE A 155 4.48 19.94 26.17
CA PHE A 155 3.04 19.76 26.12
C PHE A 155 2.31 20.91 26.81
N GLU A 156 2.75 21.26 28.02
CA GLU A 156 2.15 22.38 28.73
C GLU A 156 2.27 23.68 27.93
N ILE A 157 3.45 23.94 27.37
CA ILE A 157 3.58 25.19 26.62
C ILE A 157 2.76 25.15 25.33
N SER A 158 2.54 23.94 24.77
CA SER A 158 1.73 23.82 23.56
C SER A 158 0.30 24.21 23.87
N LYS A 159 -0.24 23.64 24.95
CA LYS A 159 -1.63 23.91 25.29
C LYS A 159 -1.83 25.33 25.78
N LYS A 160 -0.75 26.02 26.17
CA LYS A 160 -0.95 27.38 26.64
C LYS A 160 -0.72 28.45 25.60
N GLU A 161 0.08 28.23 24.55
CA GLU A 161 0.18 29.23 23.50
C GLU A 161 -0.03 28.72 22.07
N MET A 162 -0.47 27.49 21.86
CA MET A 162 -0.75 27.00 20.52
C MET A 162 -2.17 26.42 20.40
N GLN A 163 -2.84 26.77 19.31
CA GLN A 163 -4.18 26.26 19.01
C GLN A 163 -4.15 24.76 18.75
N PRO A 164 -5.25 24.04 19.03
CA PRO A 164 -5.26 22.58 18.87
C PRO A 164 -4.86 22.09 17.50
N THR A 165 -5.02 22.90 16.45
CA THR A 165 -4.68 22.47 15.10
C THR A 165 -3.22 22.73 14.72
N HIS A 166 -2.48 23.50 15.51
CA HIS A 166 -1.09 23.85 15.22
C HIS A 166 -0.27 22.59 14.95
N PRO A 167 0.39 22.49 13.80
CA PRO A 167 1.10 21.23 13.47
C PRO A 167 2.15 20.82 14.49
N ILE A 168 2.86 21.77 15.11
CA ILE A 168 3.85 21.39 16.12
C ILE A 168 3.18 20.77 17.34
N ARG A 169 2.08 21.36 17.82
CA ARG A 169 1.35 20.77 18.94
C ARG A 169 0.76 19.42 18.59
N LEU A 170 0.23 19.28 17.37
CA LEU A 170 -0.33 18.00 16.96
C LEU A 170 0.76 16.93 16.89
N GLY A 171 1.94 17.29 16.38
CA GLY A 171 3.04 16.33 16.32
C GLY A 171 3.55 15.98 17.70
N LEU A 172 3.61 16.97 18.59
CA LEU A 172 3.96 16.69 19.98
C LEU A 172 2.99 15.70 20.60
N ALA A 173 1.68 15.90 20.35
CA ALA A 173 0.68 14.94 20.81
C ALA A 173 0.97 13.55 20.27
N LEU A 174 1.29 13.45 18.97
CA LEU A 174 1.50 12.15 18.35
C LEU A 174 2.69 11.43 18.96
N ASN A 175 3.81 12.15 19.12
CA ASN A 175 5.02 11.53 19.64
C ASN A 175 4.90 11.23 21.14
N PHE A 176 4.25 12.12 21.89
CA PHE A 176 4.05 11.85 23.32
C PHE A 176 3.14 10.65 23.55
N SER A 177 2.08 10.53 22.75
CA SER A 177 1.25 9.33 22.83
C SER A 177 2.04 8.08 22.47
N VAL A 178 2.91 8.18 21.46
CA VAL A 178 3.74 7.02 21.12
C VAL A 178 4.71 6.69 22.26
N PHE A 179 5.21 7.73 22.95
CA PHE A 179 6.03 7.52 24.15
C PHE A 179 5.26 6.71 25.19
N TYR A 180 4.03 7.14 25.47
CA TYR A 180 3.19 6.45 26.46
C TYR A 180 2.94 5.01 26.04
N TYR A 181 2.60 4.77 24.77
CA TYR A 181 2.28 3.41 24.33
C TYR A 181 3.51 2.50 24.34
N GLU A 182 4.58 2.91 23.65
CA GLU A 182 5.75 2.06 23.41
C GLU A 182 6.73 2.03 24.57
N ILE A 183 6.96 3.15 25.24
CA ILE A 183 8.00 3.24 26.25
C ILE A 183 7.47 2.91 27.65
N LEU A 184 6.41 3.60 28.08
CA LEU A 184 5.78 3.32 29.37
C LEU A 184 4.81 2.15 29.34
N ASN A 185 4.45 1.67 28.16
CA ASN A 185 3.63 0.45 28.01
C ASN A 185 2.22 0.64 28.59
N SER A 186 1.71 1.87 28.48
CA SER A 186 0.41 2.23 29.05
C SER A 186 -0.49 2.64 27.89
N PRO A 187 -1.15 1.67 27.24
CA PRO A 187 -1.97 2.01 26.06
C PRO A 187 -3.08 2.98 26.38
N GLU A 188 -3.67 2.86 27.56
CA GLU A 188 -4.85 3.66 27.84
C GLU A 188 -4.52 5.14 27.90
N LYS A 189 -3.42 5.50 28.51
CA LYS A 189 -3.08 6.89 28.64
C LYS A 189 -2.65 7.43 27.29
N ALA A 190 -2.12 6.56 26.48
CA ALA A 190 -1.65 6.92 25.15
C ALA A 190 -2.85 7.23 24.26
N CYS A 191 -3.86 6.34 24.30
CA CYS A 191 -5.09 6.59 23.57
C CYS A 191 -5.80 7.82 24.08
N SER A 192 -5.78 8.06 25.40
CA SER A 192 -6.40 9.26 25.93
C SER A 192 -5.76 10.51 25.32
N LEU A 193 -4.43 10.59 25.37
CA LEU A 193 -3.75 11.77 24.84
C LEU A 193 -4.00 11.92 23.34
N ALA A 194 -3.89 10.82 22.59
CA ALA A 194 -4.08 10.86 21.15
C ALA A 194 -5.50 11.28 20.78
N LYS A 195 -6.50 10.60 21.36
CA LYS A 195 -7.90 10.91 21.06
C LYS A 195 -8.25 12.34 21.42
N THR A 196 -7.76 12.84 22.57
CA THR A 196 -8.03 14.23 22.93
C THR A 196 -7.48 15.19 21.89
N ALA A 197 -6.21 15.00 21.50
CA ALA A 197 -5.63 15.94 20.53
C ALA A 197 -6.35 15.87 19.19
N PHE A 198 -6.67 14.66 18.73
CA PHE A 198 -7.35 14.52 17.45
C PHE A 198 -8.74 15.15 17.49
N ASP A 199 -9.50 14.87 18.56
CA ASP A 199 -10.86 15.38 18.66
C ASP A 199 -10.87 16.90 18.79
N GLU A 200 -9.92 17.46 19.54
CA GLU A 200 -9.82 18.91 19.66
C GLU A 200 -9.42 19.56 18.34
N ALA A 201 -8.65 18.85 17.51
CA ALA A 201 -8.29 19.41 16.22
C ALA A 201 -9.44 19.31 15.21
N ILE A 202 -10.17 18.19 15.23
CA ILE A 202 -11.26 17.97 14.28
C ILE A 202 -12.32 19.06 14.39
N ALA A 203 -12.63 19.48 15.62
CA ALA A 203 -13.56 20.59 15.83
C ALA A 203 -13.19 21.79 14.98
N GLU A 204 -11.98 22.30 15.17
CA GLU A 204 -11.50 23.51 14.54
C GLU A 204 -10.92 23.27 13.14
N LEU A 205 -11.01 22.06 12.61
CA LEU A 205 -10.43 21.77 11.31
C LEU A 205 -11.05 22.60 10.19
N ASP A 206 -12.36 22.85 10.26
CA ASP A 206 -13.02 23.70 9.25
C ASP A 206 -12.39 25.08 9.19
N THR A 207 -11.78 25.51 10.31
CA THR A 207 -11.26 26.87 10.42
C THR A 207 -10.12 27.14 9.45
N LEU A 208 -9.27 26.16 9.23
CA LEU A 208 -7.93 26.44 8.71
C LEU A 208 -7.93 26.71 7.20
N SER A 209 -6.88 27.39 6.77
CA SER A 209 -6.59 27.60 5.37
C SER A 209 -6.23 26.28 4.70
N GLU A 210 -6.09 26.29 3.38
CA GLU A 210 -5.84 25.04 2.68
C GLU A 210 -4.41 24.55 2.85
N GLU A 211 -3.45 25.43 3.16
CA GLU A 211 -2.10 24.96 3.50
C GLU A 211 -2.04 24.46 4.94
N SER A 212 -2.62 25.24 5.86
CA SER A 212 -2.71 24.82 7.25
C SER A 212 -3.43 23.49 7.39
N TYR A 213 -4.46 23.28 6.56
CA TYR A 213 -5.17 22.00 6.57
C TYR A 213 -4.28 20.84 6.14
N LYS A 214 -3.37 21.07 5.18
CA LYS A 214 -2.50 19.97 4.76
C LYS A 214 -1.53 19.63 5.87
N ASP A 215 -1.02 20.67 6.54
CA ASP A 215 -0.07 20.49 7.63
C ASP A 215 -0.73 19.77 8.81
N SER A 216 -1.95 20.16 9.16
CA SER A 216 -2.61 19.57 10.32
C SER A 216 -3.11 18.16 10.04
N THR A 217 -3.78 17.96 8.90
CA THR A 217 -4.29 16.63 8.55
C THR A 217 -3.19 15.60 8.45
N LEU A 218 -1.99 15.99 8.03
CA LEU A 218 -0.94 14.98 7.90
C LEU A 218 -0.64 14.32 9.25
N ILE A 219 -0.67 15.09 10.34
CA ILE A 219 -0.48 14.51 11.67
C ILE A 219 -1.77 13.92 12.24
N MET A 220 -2.92 14.50 11.93
CA MET A 220 -4.17 13.94 12.46
C MET A 220 -4.47 12.57 11.88
N GLN A 221 -4.07 12.33 10.63
CA GLN A 221 -4.29 11.01 10.05
C GLN A 221 -3.43 9.98 10.77
N LEU A 222 -2.23 10.40 11.21
CA LEU A 222 -1.34 9.51 11.95
C LEU A 222 -1.89 9.25 13.35
N LEU A 223 -2.52 10.26 13.97
CA LEU A 223 -3.11 10.02 15.28
C LEU A 223 -4.25 9.02 15.16
N ARG A 224 -5.06 9.13 14.11
CA ARG A 224 -6.19 8.23 13.98
C ARG A 224 -5.73 6.84 13.54
N ASP A 225 -4.64 6.77 12.76
CA ASP A 225 -4.06 5.47 12.45
C ASP A 225 -3.57 4.79 13.72
N ASN A 226 -2.93 5.55 14.60
CA ASN A 226 -2.45 5.01 15.86
C ASN A 226 -3.61 4.55 16.73
N LEU A 227 -4.67 5.36 16.80
CA LEU A 227 -5.81 4.99 17.62
C LEU A 227 -6.51 3.76 17.09
N THR A 228 -6.52 3.60 15.75
CA THR A 228 -7.08 2.40 15.14
C THR A 228 -6.23 1.18 15.50
N LEU A 229 -4.90 1.33 15.49
CA LEU A 229 -4.05 0.19 15.78
C LEU A 229 -4.05 -0.17 17.27
N TRP A 230 -4.19 0.83 18.14
CA TRP A 230 -4.13 0.59 19.58
C TRP A 230 -5.42 0.04 20.14
N THR A 231 -6.53 0.25 19.45
CA THR A 231 -7.84 -0.24 19.86
C THR A 231 -8.27 -1.45 19.03
N SER A 232 -7.33 -2.15 18.47
CA SER A 232 -7.65 -3.26 17.63
C SER A 232 -6.82 -4.43 18.03
N SER B 2 39.86 -10.07 11.86
CA SER B 2 40.28 -10.56 13.17
C SER B 2 39.41 -11.72 13.60
N MET B 3 38.88 -12.45 12.62
CA MET B 3 38.02 -13.59 12.92
C MET B 3 37.94 -14.60 11.79
N ASP B 4 37.32 -15.74 12.09
CA ASP B 4 37.14 -16.80 11.13
C ASP B 4 36.32 -16.41 9.94
N LYS B 5 36.59 -17.08 8.85
CA LYS B 5 35.86 -16.87 7.61
C LYS B 5 34.38 -17.08 7.86
N ASN B 6 34.05 -18.07 8.68
CA ASN B 6 32.66 -18.30 9.07
C ASN B 6 32.13 -17.16 9.91
N GLU B 7 32.96 -16.59 10.77
CA GLU B 7 32.51 -15.46 11.59
C GLU B 7 32.29 -14.23 10.72
N LEU B 8 33.15 -14.03 9.72
CA LEU B 8 32.98 -12.89 8.82
C LEU B 8 31.79 -13.07 7.89
N VAL B 9 31.55 -14.28 7.39
CA VAL B 9 30.37 -14.51 6.56
C VAL B 9 29.09 -14.34 7.38
N GLN B 10 29.11 -14.74 8.65
CA GLN B 10 27.92 -14.52 9.47
C GLN B 10 27.70 -13.05 9.72
N LYS B 11 28.77 -12.29 9.96
CA LYS B 11 28.57 -10.86 10.15
C LYS B 11 28.17 -10.18 8.85
N ALA B 12 28.60 -10.74 7.72
CA ALA B 12 28.18 -10.21 6.41
C ALA B 12 26.68 -10.43 6.18
N LYS B 13 26.19 -11.63 6.47
CA LYS B 13 24.76 -11.89 6.29
C LYS B 13 23.93 -11.02 7.24
N LEU B 14 24.46 -10.81 8.45
CA LEU B 14 23.75 -10.00 9.43
C LEU B 14 23.75 -8.53 9.01
N ALA B 15 24.88 -8.05 8.47
CA ALA B 15 24.94 -6.69 7.94
C ALA B 15 24.03 -6.52 6.73
N GLU B 16 23.89 -7.57 5.91
CA GLU B 16 22.97 -7.51 4.80
C GLU B 16 21.53 -7.32 5.26
N GLN B 17 21.12 -8.06 6.29
CA GLN B 17 19.73 -7.89 6.74
C GLN B 17 19.53 -6.58 7.49
N ALA B 18 20.60 -5.99 8.01
CA ALA B 18 20.54 -4.66 8.60
C ALA B 18 20.73 -3.56 7.57
N GLU B 19 20.90 -3.91 6.30
CA GLU B 19 21.10 -2.94 5.22
C GLU B 19 22.27 -2.00 5.53
N ARG B 20 23.34 -2.56 6.08
CA ARG B 20 24.57 -1.81 6.32
C ARG B 20 25.60 -2.41 5.37
N TYR B 21 25.56 -1.91 4.13
CA TYR B 21 26.33 -2.49 3.05
C TYR B 21 27.83 -2.20 3.15
N ASP B 22 28.21 -1.11 3.82
CA ASP B 22 29.63 -0.87 4.05
C ASP B 22 30.21 -1.95 4.96
N ASP B 23 29.47 -2.36 5.99
CA ASP B 23 29.94 -3.44 6.85
C ASP B 23 30.02 -4.76 6.09
N MET B 24 29.00 -5.06 5.29
CA MET B 24 28.99 -6.29 4.51
C MET B 24 30.16 -6.31 3.52
N ALA B 25 30.43 -5.18 2.88
CA ALA B 25 31.55 -5.09 1.96
C ALA B 25 32.87 -5.35 2.66
N ALA B 26 33.06 -4.75 3.85
CA ALA B 26 34.30 -4.99 4.59
C ALA B 26 34.47 -6.47 4.94
N CYS B 27 33.37 -7.10 5.39
CA CYS B 27 33.43 -8.52 5.74
C CYS B 27 33.82 -9.36 4.54
N MET B 28 33.16 -9.14 3.41
CA MET B 28 33.45 -9.94 2.23
C MET B 28 34.84 -9.64 1.66
N LYS B 29 35.33 -8.42 1.83
CA LYS B 29 36.69 -8.10 1.40
C LYS B 29 37.72 -8.91 2.19
N SER B 30 37.55 -8.99 3.51
CA SER B 30 38.46 -9.82 4.29
C SER B 30 38.36 -11.28 3.88
N VAL B 31 37.13 -11.77 3.71
CA VAL B 31 36.91 -13.16 3.33
C VAL B 31 37.60 -13.47 2.00
N THR B 32 37.59 -12.52 1.07
CA THR B 32 38.27 -12.77 -0.20
C THR B 32 39.78 -12.65 -0.08
N GLU B 33 40.27 -11.82 0.85
CA GLU B 33 41.71 -11.66 1.06
C GLU B 33 42.29 -12.89 1.76
N GLN B 34 41.38 -13.76 2.18
CA GLN B 34 41.71 -15.04 2.73
C GLN B 34 42.41 -15.95 1.73
N GLY B 35 42.10 -15.83 0.44
CA GLY B 35 42.81 -16.52 -0.62
C GLY B 35 42.06 -17.68 -1.24
N ALA B 36 41.05 -18.20 -0.55
CA ALA B 36 40.31 -19.36 -1.02
C ALA B 36 39.20 -18.95 -1.98
N GLU B 37 38.84 -19.88 -2.87
CA GLU B 37 37.71 -19.65 -3.76
C GLU B 37 36.42 -19.52 -2.96
N LEU B 38 35.61 -18.53 -3.31
CA LEU B 38 34.37 -18.33 -2.61
C LEU B 38 33.32 -19.31 -3.13
N SER B 39 32.35 -19.61 -2.28
CA SER B 39 31.25 -20.45 -2.72
C SER B 39 30.26 -19.57 -3.48
N ASN B 40 29.20 -20.19 -4.01
CA ASN B 40 28.20 -19.40 -4.71
C ASN B 40 27.54 -18.41 -3.77
N GLU B 41 27.29 -18.82 -2.52
CA GLU B 41 26.70 -17.91 -1.54
C GLU B 41 27.66 -16.77 -1.19
N GLU B 42 28.93 -17.08 -0.93
CA GLU B 42 29.90 -16.05 -0.58
C GLU B 42 30.14 -15.11 -1.76
N ARG B 43 30.21 -15.69 -2.95
CA ARG B 43 30.29 -14.90 -4.17
C ARG B 43 29.13 -13.93 -4.25
N ASN B 44 27.93 -14.44 -3.96
CA ASN B 44 26.73 -13.66 -4.12
C ASN B 44 26.68 -12.54 -3.09
N LEU B 45 27.19 -12.82 -1.89
CA LEU B 45 27.19 -11.80 -0.85
C LEU B 45 28.16 -10.68 -1.18
N LEU B 46 29.33 -11.03 -1.70
CA LEU B 46 30.29 -10.01 -2.11
C LEU B 46 29.69 -9.12 -3.20
N SER B 47 29.01 -9.74 -4.17
CA SER B 47 28.38 -8.99 -5.24
C SER B 47 27.33 -8.03 -4.70
N VAL B 48 26.41 -8.54 -3.87
CA VAL B 48 25.37 -7.66 -3.32
C VAL B 48 25.99 -6.51 -2.55
N ALA B 49 27.01 -6.80 -1.74
CA ALA B 49 27.63 -5.76 -0.92
C ALA B 49 28.20 -4.64 -1.75
N TYR B 50 29.08 -4.98 -2.70
CA TYR B 50 29.71 -3.89 -3.41
C TYR B 50 28.77 -3.21 -4.39
N LYS B 51 27.81 -3.92 -4.89
CA LYS B 51 26.91 -3.29 -5.78
C LYS B 51 26.10 -2.27 -5.09
N ASN B 52 25.63 -2.55 -3.89
CA ASN B 52 24.90 -1.54 -3.12
C ASN B 52 25.80 -0.37 -2.71
N VAL B 53 27.02 -0.68 -2.24
CA VAL B 53 27.93 0.38 -1.81
C VAL B 53 28.21 1.35 -2.95
N VAL B 54 28.49 0.82 -4.14
CA VAL B 54 28.80 1.69 -5.26
C VAL B 54 27.53 2.29 -5.88
N GLY B 55 26.38 1.60 -5.79
CA GLY B 55 25.16 2.15 -6.34
C GLY B 55 24.69 3.39 -5.61
N ALA B 56 24.85 3.41 -4.29
CA ALA B 56 24.51 4.63 -3.55
C ALA B 56 25.31 5.82 -4.08
N ARG B 57 26.60 5.61 -4.35
CA ARG B 57 27.43 6.69 -4.83
C ARG B 57 27.08 7.08 -6.26
N ARG B 58 26.77 6.10 -7.11
CA ARG B 58 26.34 6.41 -8.47
C ARG B 58 25.05 7.24 -8.46
N SER B 59 24.09 6.87 -7.63
CA SER B 59 22.84 7.63 -7.55
C SER B 59 23.12 9.06 -7.10
N SER B 60 23.92 9.22 -6.04
CA SER B 60 24.26 10.55 -5.58
C SER B 60 25.01 11.35 -6.65
N TRP B 61 25.93 10.68 -7.36
CA TRP B 61 26.67 11.35 -8.42
C TRP B 61 25.74 11.88 -9.48
N ARG B 62 24.79 11.05 -9.94
CA ARG B 62 23.87 11.50 -10.97
C ARG B 62 23.02 12.68 -10.48
N VAL B 63 22.51 12.60 -9.24
CA VAL B 63 21.71 13.70 -8.72
C VAL B 63 22.52 15.00 -8.69
N VAL B 64 23.74 14.92 -8.14
CA VAL B 64 24.53 16.13 -7.94
C VAL B 64 25.07 16.66 -9.25
N SER B 65 25.39 15.78 -10.22
CA SER B 65 25.78 16.24 -11.54
C SER B 65 24.64 16.98 -12.23
N SER B 66 23.45 16.38 -12.23
CA SER B 66 22.29 17.06 -12.80
C SER B 66 22.11 18.45 -12.18
N ILE B 67 22.24 18.53 -10.85
CA ILE B 67 22.14 19.84 -10.19
C ILE B 67 23.24 20.77 -10.69
N GLU B 68 24.45 20.24 -10.89
CA GLU B 68 25.54 21.06 -11.43
C GLU B 68 25.15 21.64 -12.79
N GLN B 69 24.54 20.81 -13.62
CA GLN B 69 24.16 21.24 -14.95
C GLN B 69 23.24 22.43 -14.87
N LYS B 70 22.10 22.20 -14.23
CA LYS B 70 21.08 23.21 -14.12
C LYS B 70 21.37 24.40 -13.22
N THR B 71 22.65 24.72 -13.02
CA THR B 71 22.95 25.89 -12.22
C THR B 71 23.27 26.95 -13.22
N GLU B 72 22.45 27.98 -13.29
CA GLU B 72 22.68 29.03 -14.25
C GLU B 72 22.91 30.38 -13.59
N GLY B 73 23.95 31.06 -14.05
CA GLY B 73 24.28 32.37 -13.56
C GLY B 73 24.66 32.42 -12.09
N ALA B 74 25.39 31.40 -11.64
CA ALA B 74 25.81 31.34 -10.24
C ALA B 74 27.03 30.46 -10.11
N GLU B 75 28.16 31.09 -9.99
CA GLU B 75 29.38 30.41 -9.83
C GLU B 75 29.39 29.67 -8.55
N LYS B 76 29.17 30.38 -7.45
CA LYS B 76 29.34 29.74 -6.15
C LYS B 76 28.37 28.56 -5.97
N LYS B 77 27.15 28.65 -6.51
CA LYS B 77 26.24 27.51 -6.49
C LYS B 77 26.84 26.33 -7.25
N GLN B 78 27.35 26.64 -8.43
CA GLN B 78 27.98 25.70 -9.34
C GLN B 78 29.28 25.17 -8.79
N GLN B 79 29.99 26.03 -8.11
CA GLN B 79 31.24 25.71 -7.44
C GLN B 79 31.01 24.71 -6.30
N MET B 80 29.93 24.92 -5.51
CA MET B 80 29.65 23.99 -4.39
C MET B 80 29.24 22.63 -4.95
N ALA B 81 28.41 22.62 -6.00
CA ALA B 81 27.93 21.35 -6.55
C ALA B 81 29.04 20.51 -7.16
N ARG B 82 29.97 21.19 -7.78
CA ARG B 82 31.10 20.57 -8.42
C ARG B 82 31.99 19.96 -7.39
N GLU B 83 32.37 20.75 -6.42
CA GLU B 83 33.28 20.26 -5.39
C GLU B 83 32.66 19.07 -4.66
N TYR B 84 31.33 19.10 -4.46
CA TYR B 84 30.63 17.96 -3.89
C TYR B 84 30.64 16.77 -4.84
N ARG B 85 30.47 17.05 -6.14
CA ARG B 85 30.52 15.99 -7.14
C ARG B 85 31.86 15.29 -7.15
N GLU B 86 32.95 16.05 -6.99
CA GLU B 86 34.27 15.43 -6.96
C GLU B 86 34.52 14.70 -5.64
N LYS B 87 33.92 15.14 -4.54
CA LYS B 87 33.98 14.34 -3.31
C LYS B 87 33.35 12.97 -3.52
N ILE B 88 32.13 12.96 -4.05
CA ILE B 88 31.45 11.70 -4.34
C ILE B 88 32.26 10.89 -5.34
N GLU B 89 32.81 11.57 -6.36
CA GLU B 89 33.66 10.97 -7.37
C GLU B 89 34.86 10.23 -6.77
N THR B 90 35.52 10.86 -5.80
CA THR B 90 36.64 10.21 -5.12
C THR B 90 36.18 8.93 -4.43
N GLU B 91 35.05 8.99 -3.75
CA GLU B 91 34.54 7.81 -3.06
C GLU B 91 34.27 6.77 -4.09
N LEU B 92 33.75 7.22 -5.21
CA LEU B 92 33.40 6.35 -6.29
C LEU B 92 34.62 5.63 -6.81
N ARG B 93 35.72 6.33 -6.95
CA ARG B 93 36.92 5.69 -7.44
C ARG B 93 37.49 4.71 -6.45
N ASP B 94 37.60 5.13 -5.20
CA ASP B 94 38.15 4.25 -4.16
C ASP B 94 37.40 2.93 -4.09
N ILE B 95 36.07 2.96 -4.13
CA ILE B 95 35.28 1.74 -4.06
C ILE B 95 35.64 0.81 -5.21
N CYS B 96 35.63 1.37 -6.43
CA CYS B 96 35.93 0.56 -7.60
C CYS B 96 37.37 0.04 -7.57
N ASN B 97 38.30 0.83 -7.05
CA ASN B 97 39.69 0.37 -6.97
C ASN B 97 39.82 -0.78 -6.00
N ASP B 98 39.10 -0.73 -4.87
CA ASP B 98 39.05 -1.88 -3.97
C ASP B 98 38.53 -3.11 -4.70
N VAL B 99 37.44 -2.94 -5.44
CA VAL B 99 36.77 -4.09 -6.02
C VAL B 99 37.61 -4.68 -7.16
N LEU B 100 38.24 -3.81 -7.96
CA LEU B 100 39.07 -4.26 -9.06
C LEU B 100 40.38 -4.87 -8.56
N SER B 101 40.93 -4.39 -7.45
CA SER B 101 42.08 -5.05 -6.87
C SER B 101 41.73 -6.44 -6.36
N LEU B 102 40.55 -6.59 -5.73
CA LEU B 102 40.11 -7.91 -5.30
C LEU B 102 39.88 -8.82 -6.50
N LEU B 103 39.31 -8.28 -7.57
CA LEU B 103 39.07 -9.09 -8.76
C LEU B 103 40.38 -9.58 -9.35
N GLU B 104 41.36 -8.71 -9.49
CA GLU B 104 42.60 -9.10 -10.11
C GLU B 104 43.52 -9.92 -9.25
N LYS B 105 43.47 -9.78 -7.94
CA LYS B 105 44.43 -10.52 -7.13
C LYS B 105 43.85 -11.82 -6.59
N PHE B 106 42.52 -11.96 -6.53
CA PHE B 106 41.95 -13.20 -6.03
C PHE B 106 40.88 -13.86 -6.87
N LEU B 107 39.87 -13.10 -7.28
CA LEU B 107 38.63 -13.69 -7.80
C LEU B 107 38.84 -14.43 -9.12
N ILE B 108 39.28 -13.70 -10.15
CA ILE B 108 39.50 -14.35 -11.45
C ILE B 108 40.53 -15.42 -11.37
N PRO B 109 41.71 -15.26 -10.75
CA PRO B 109 42.71 -16.33 -10.75
C PRO B 109 42.27 -17.61 -10.04
N ASN B 110 41.49 -17.53 -8.95
CA ASN B 110 41.08 -18.71 -8.20
C ASN B 110 39.75 -19.31 -8.68
N ALA B 111 39.27 -18.92 -9.86
CA ALA B 111 38.00 -19.42 -10.39
C ALA B 111 38.25 -20.75 -11.09
N SER B 112 37.70 -21.83 -10.54
CA SER B 112 37.92 -23.14 -11.13
C SER B 112 37.08 -23.35 -12.39
N GLN B 113 35.77 -23.23 -12.29
CA GLN B 113 34.90 -23.50 -13.42
C GLN B 113 34.70 -22.22 -14.23
N ALA B 114 34.10 -22.36 -15.42
CA ALA B 114 33.99 -21.22 -16.33
C ALA B 114 32.97 -20.21 -15.81
N GLU B 115 31.84 -20.68 -15.28
CA GLU B 115 30.82 -19.86 -14.64
C GLU B 115 31.41 -18.76 -13.75
N SER B 116 32.28 -19.15 -12.81
CA SER B 116 32.86 -18.18 -11.89
C SER B 116 33.68 -17.13 -12.63
N LYS B 117 34.46 -17.52 -13.64
CA LYS B 117 35.39 -16.58 -14.25
C LYS B 117 34.69 -15.64 -15.23
N VAL B 118 33.59 -16.10 -15.86
CA VAL B 118 32.80 -15.14 -16.62
C VAL B 118 32.07 -14.18 -15.71
N PHE B 119 31.59 -14.67 -14.56
CA PHE B 119 30.93 -13.78 -13.61
C PHE B 119 31.88 -12.71 -13.11
N TYR B 120 33.08 -13.12 -12.71
CA TYR B 120 34.03 -12.15 -12.16
C TYR B 120 34.55 -11.21 -13.23
N LEU B 121 34.71 -11.69 -14.48
CA LEU B 121 35.11 -10.77 -15.53
C LEU B 121 33.97 -9.82 -15.90
N LYS B 122 32.76 -10.25 -15.70
CA LYS B 122 31.69 -9.37 -15.98
C LYS B 122 31.75 -8.28 -14.94
N MET B 123 31.86 -8.67 -13.69
CA MET B 123 31.97 -7.69 -12.61
C MET B 123 33.13 -6.75 -12.86
N LYS B 124 34.22 -7.28 -13.39
CA LYS B 124 35.38 -6.51 -13.79
C LYS B 124 34.99 -5.44 -14.79
N GLY B 125 34.22 -5.85 -15.81
CA GLY B 125 33.75 -4.92 -16.80
C GLY B 125 32.77 -3.91 -16.24
N ASP B 126 31.87 -4.35 -15.36
CA ASP B 126 30.89 -3.44 -14.77
C ASP B 126 31.56 -2.36 -13.94
N TYR B 127 32.54 -2.72 -13.11
CA TYR B 127 33.17 -1.71 -12.27
C TYR B 127 34.09 -0.79 -13.08
N TYR B 128 34.70 -1.29 -14.13
CA TYR B 128 35.48 -0.37 -14.95
C TYR B 128 34.45 0.52 -15.64
N ARG B 129 33.30 -0.04 -15.96
CA ARG B 129 32.27 0.72 -16.57
C ARG B 129 31.82 1.81 -15.63
N TYR B 130 31.62 1.48 -14.37
CA TYR B 130 31.18 2.46 -13.40
C TYR B 130 32.20 3.55 -13.33
N LEU B 131 33.45 3.18 -13.46
CA LEU B 131 34.50 4.16 -13.46
C LEU B 131 34.37 5.01 -14.70
N ALA B 132 33.87 4.39 -15.74
CA ALA B 132 33.74 4.98 -17.02
C ALA B 132 32.87 6.14 -16.99
N GLU B 133 31.75 6.01 -16.32
CA GLU B 133 30.77 7.05 -16.29
C GLU B 133 31.27 8.35 -15.75
N VAL B 134 32.17 8.30 -14.77
CA VAL B 134 32.74 9.48 -14.26
C VAL B 134 34.15 9.79 -14.78
N ALA B 135 34.67 9.07 -15.78
CA ALA B 135 36.04 9.36 -16.21
C ALA B 135 36.15 10.71 -16.91
N ALA B 136 37.29 11.38 -16.70
CA ALA B 136 37.49 12.76 -17.17
C ALA B 136 37.77 12.83 -18.68
N GLY B 137 38.77 12.10 -19.18
CA GLY B 137 39.02 12.11 -20.61
C GLY B 137 40.42 11.79 -21.07
N ASP B 138 41.43 12.26 -20.36
CA ASP B 138 42.81 11.85 -20.67
C ASP B 138 43.07 10.43 -20.18
N ASP B 139 42.60 10.10 -18.97
CA ASP B 139 42.59 8.72 -18.53
C ASP B 139 41.29 7.97 -18.88
N LYS B 140 40.24 8.67 -19.29
CA LYS B 140 38.97 8.00 -19.65
C LYS B 140 39.19 6.85 -20.59
N LYS B 141 39.82 7.16 -21.73
CA LYS B 141 40.12 6.19 -22.78
C LYS B 141 40.70 4.88 -22.26
N GLY B 142 41.71 4.98 -21.41
CA GLY B 142 42.32 3.77 -20.86
C GLY B 142 41.35 2.89 -20.09
N ILE B 143 40.54 3.50 -19.22
CA ILE B 143 39.61 2.75 -18.39
C ILE B 143 38.56 2.06 -19.24
N VAL B 144 38.01 2.80 -20.22
CA VAL B 144 37.03 2.22 -21.15
C VAL B 144 37.62 1.04 -21.90
N ASP B 145 38.87 1.19 -22.36
CA ASP B 145 39.56 0.10 -23.05
C ASP B 145 39.63 -1.14 -22.17
N GLN B 146 40.05 -0.96 -20.91
CA GLN B 146 40.15 -2.13 -20.04
C GLN B 146 38.79 -2.72 -19.73
N SER B 147 37.76 -1.86 -19.65
CA SER B 147 36.41 -2.35 -19.41
C SER B 147 35.98 -3.29 -20.50
N GLN B 148 36.05 -2.84 -21.76
CA GLN B 148 35.57 -3.70 -22.82
C GLN B 148 36.46 -4.92 -22.97
N GLN B 149 37.77 -4.77 -22.71
CA GLN B 149 38.66 -5.91 -22.84
C GLN B 149 38.25 -7.03 -21.90
N ALA B 150 38.04 -6.71 -20.61
CA ALA B 150 37.60 -7.71 -19.66
C ALA B 150 36.20 -8.23 -20.00
N TYR B 151 35.28 -7.31 -20.33
CA TYR B 151 33.93 -7.69 -20.73
C TYR B 151 33.94 -8.69 -21.85
N GLN B 152 34.59 -8.35 -22.96
CA GLN B 152 34.55 -9.24 -24.10
C GLN B 152 35.27 -10.52 -23.80
N GLU B 153 36.36 -10.49 -23.02
CA GLU B 153 37.02 -11.74 -22.69
C GLU B 153 36.03 -12.69 -22.02
N ALA B 154 35.21 -12.16 -21.12
CA ALA B 154 34.17 -13.01 -20.52
C ALA B 154 33.11 -13.38 -21.54
N PHE B 155 32.75 -12.45 -22.42
CA PHE B 155 31.75 -12.70 -23.45
C PHE B 155 32.14 -13.86 -24.35
N GLU B 156 33.43 -13.94 -24.72
CA GLU B 156 33.90 -15.01 -25.60
C GLU B 156 33.56 -16.38 -25.01
N ILE B 157 33.81 -16.55 -23.72
CA ILE B 157 33.47 -17.79 -23.04
C ILE B 157 31.99 -17.90 -22.69
N SER B 158 31.24 -16.79 -22.68
CA SER B 158 29.85 -16.87 -22.23
C SER B 158 28.99 -17.76 -23.10
N LYS B 159 28.72 -17.41 -24.37
CA LYS B 159 27.90 -18.29 -25.22
C LYS B 159 28.72 -19.39 -25.84
N LYS B 160 29.53 -20.09 -25.06
CA LYS B 160 30.30 -21.23 -25.51
C LYS B 160 30.17 -22.44 -24.60
N GLU B 161 30.02 -22.21 -23.29
CA GLU B 161 29.73 -23.27 -22.34
C GLU B 161 28.46 -23.03 -21.57
N MET B 162 27.68 -22.02 -21.91
CA MET B 162 26.49 -21.74 -21.14
C MET B 162 25.22 -21.69 -21.99
N GLN B 163 24.16 -22.30 -21.42
CA GLN B 163 22.84 -22.42 -22.02
C GLN B 163 22.17 -21.07 -22.22
N PRO B 164 21.43 -20.88 -23.33
CA PRO B 164 20.77 -19.59 -23.58
C PRO B 164 19.89 -19.08 -22.44
N THR B 165 19.38 -19.96 -21.57
CA THR B 165 18.50 -19.52 -20.47
C THR B 165 19.28 -18.98 -19.29
N HIS B 166 20.56 -19.29 -19.24
CA HIS B 166 21.48 -18.97 -18.17
C HIS B 166 21.58 -17.48 -17.79
N PRO B 167 21.21 -17.11 -16.56
CA PRO B 167 21.22 -15.69 -16.15
C PRO B 167 22.56 -15.00 -16.10
N ILE B 168 23.66 -15.68 -15.74
CA ILE B 168 24.92 -14.95 -15.75
C ILE B 168 25.24 -14.46 -17.16
N ARG B 169 24.84 -15.25 -18.11
CA ARG B 169 25.04 -14.99 -19.50
C ARG B 169 24.10 -13.89 -19.99
N LEU B 170 22.88 -13.99 -19.56
CA LEU B 170 21.84 -13.02 -19.92
C LEU B 170 22.19 -11.67 -19.35
N GLY B 171 22.73 -11.65 -18.13
CA GLY B 171 23.15 -10.42 -17.51
C GLY B 171 24.42 -9.84 -18.11
N LEU B 172 25.35 -10.70 -18.49
CA LEU B 172 26.58 -10.22 -19.09
C LEU B 172 26.25 -9.48 -20.36
N ALA B 173 25.30 -10.02 -21.11
CA ALA B 173 24.89 -9.39 -22.35
C ALA B 173 24.28 -8.03 -22.06
N LEU B 174 23.46 -7.98 -21.02
CA LEU B 174 22.81 -6.74 -20.68
C LEU B 174 23.84 -5.68 -20.33
N ASN B 175 24.82 -6.09 -19.55
CA ASN B 175 25.81 -5.13 -19.18
C ASN B 175 26.74 -4.79 -20.33
N PHE B 176 27.02 -5.75 -21.22
CA PHE B 176 27.92 -5.47 -22.32
C PHE B 176 27.22 -4.58 -23.35
N SER B 177 25.93 -4.83 -23.58
CA SER B 177 25.16 -4.02 -24.50
C SER B 177 25.04 -2.59 -24.01
N VAL B 178 24.70 -2.40 -22.73
CA VAL B 178 24.64 -1.03 -22.23
C VAL B 178 26.04 -0.43 -22.17
N PHE B 179 27.07 -1.25 -21.99
CA PHE B 179 28.42 -0.74 -22.13
C PHE B 179 28.62 -0.08 -23.49
N TYR B 180 28.27 -0.79 -24.57
CA TYR B 180 28.42 -0.20 -25.91
C TYR B 180 27.53 1.01 -26.09
N TYR B 181 26.27 0.93 -25.66
CA TYR B 181 25.31 2.00 -25.85
C TYR B 181 25.64 3.25 -25.04
N GLU B 182 25.81 3.07 -23.73
CA GLU B 182 26.10 4.19 -22.87
C GLU B 182 27.51 4.69 -22.91
N ILE B 183 28.42 3.88 -22.35
CA ILE B 183 29.82 4.27 -22.18
C ILE B 183 30.36 4.81 -23.47
N LEU B 184 30.32 3.97 -24.50
CA LEU B 184 30.70 4.43 -25.81
C LEU B 184 29.41 4.87 -26.48
N ASN B 185 29.46 5.17 -27.72
CA ASN B 185 28.23 5.46 -28.42
C ASN B 185 28.20 4.61 -29.67
N SER B 186 27.70 3.39 -29.52
CA SER B 186 27.59 2.43 -30.58
C SER B 186 26.30 1.71 -30.35
N PRO B 187 25.19 2.38 -30.60
CA PRO B 187 23.88 1.75 -30.39
C PRO B 187 23.68 0.54 -31.26
N GLU B 188 24.16 0.57 -32.50
CA GLU B 188 23.93 -0.52 -33.39
C GLU B 188 24.51 -1.80 -32.86
N LYS B 189 25.74 -1.74 -32.36
CA LYS B 189 26.33 -2.94 -31.84
C LYS B 189 25.52 -3.37 -30.62
N ALA B 190 25.33 -2.42 -29.72
CA ALA B 190 24.58 -2.64 -28.49
C ALA B 190 23.17 -3.18 -28.77
N CYS B 191 22.45 -2.53 -29.67
CA CYS B 191 21.12 -3.01 -30.06
C CYS B 191 21.21 -4.37 -30.74
N SER B 192 22.27 -4.59 -31.54
CA SER B 192 22.47 -5.88 -32.16
C SER B 192 22.56 -6.97 -31.10
N LEU B 193 23.40 -6.70 -30.12
CA LEU B 193 23.59 -7.63 -29.06
C LEU B 193 22.35 -7.86 -28.23
N ALA B 194 21.67 -6.80 -27.85
CA ALA B 194 20.50 -6.94 -26.98
C ALA B 194 19.41 -7.78 -27.68
N LYS B 195 19.01 -7.41 -28.91
CA LYS B 195 17.97 -8.22 -29.56
C LYS B 195 18.44 -9.64 -29.81
N THR B 196 19.72 -9.83 -30.17
CA THR B 196 20.21 -11.18 -30.41
C THR B 196 20.03 -12.05 -29.17
N ALA B 197 20.47 -11.54 -28.01
CA ALA B 197 20.39 -12.33 -26.78
C ALA B 197 18.94 -12.60 -26.39
N PHE B 198 18.06 -11.59 -26.50
CA PHE B 198 16.67 -11.81 -26.11
C PHE B 198 16.00 -12.88 -26.97
N ASP B 199 16.20 -12.81 -28.29
CA ASP B 199 15.56 -13.81 -29.15
C ASP B 199 16.15 -15.20 -28.92
N GLU B 200 17.47 -15.31 -28.67
CA GLU B 200 17.99 -16.64 -28.37
C GLU B 200 17.44 -17.17 -27.06
N ALA B 201 17.11 -16.27 -26.11
CA ALA B 201 16.54 -16.72 -24.85
C ALA B 201 15.09 -17.15 -25.02
N ILE B 202 14.31 -16.41 -25.82
CA ILE B 202 12.93 -16.81 -26.07
C ILE B 202 12.91 -18.16 -26.79
N ALA B 203 13.88 -18.39 -27.68
CA ALA B 203 13.98 -19.69 -28.37
C ALA B 203 13.94 -20.86 -27.39
N GLU B 204 14.93 -20.94 -26.51
CA GLU B 204 15.02 -22.07 -25.57
C GLU B 204 14.26 -21.76 -24.29
N SER B 212 16.13 -19.16 -11.51
CA SER B 212 16.27 -18.92 -12.95
C SER B 212 14.92 -18.86 -13.62
N TYR B 213 14.01 -19.66 -13.11
CA TYR B 213 12.66 -19.74 -13.64
C TYR B 213 11.98 -18.40 -13.50
N LYS B 214 12.13 -17.81 -12.33
CA LYS B 214 11.58 -16.48 -12.15
C LYS B 214 12.69 -15.48 -12.41
N ASP B 215 13.93 -15.90 -12.24
CA ASP B 215 15.04 -15.01 -12.47
C ASP B 215 15.13 -14.59 -13.91
N SER B 216 14.92 -15.51 -14.84
CA SER B 216 15.05 -15.13 -16.24
C SER B 216 13.90 -14.31 -16.77
N THR B 217 12.70 -14.54 -16.24
CA THR B 217 11.53 -13.79 -16.65
C THR B 217 11.80 -12.28 -16.57
N LEU B 218 12.35 -11.84 -15.43
CA LEU B 218 12.64 -10.41 -15.24
C LEU B 218 13.86 -9.91 -16.02
N ILE B 219 14.85 -10.79 -16.32
CA ILE B 219 15.91 -10.22 -17.17
C ILE B 219 15.44 -10.09 -18.62
N MET B 220 14.55 -10.97 -19.07
CA MET B 220 14.04 -10.73 -20.41
C MET B 220 13.15 -9.48 -20.45
N GLN B 221 12.45 -9.17 -19.36
CA GLN B 221 11.72 -7.89 -19.39
C GLN B 221 12.67 -6.70 -19.40
N LEU B 222 13.82 -6.82 -18.71
CA LEU B 222 14.74 -5.69 -18.79
C LEU B 222 15.32 -5.55 -20.20
N LEU B 223 15.53 -6.67 -20.90
CA LEU B 223 15.99 -6.59 -22.29
C LEU B 223 14.93 -5.97 -23.19
N ARG B 224 13.66 -6.31 -22.99
CA ARG B 224 12.59 -5.79 -23.85
C ARG B 224 12.35 -4.31 -23.60
N ASP B 225 12.48 -3.90 -22.32
CA ASP B 225 12.43 -2.47 -22.01
C ASP B 225 13.60 -1.71 -22.64
N ASN B 226 14.77 -2.32 -22.60
CA ASN B 226 15.92 -1.65 -23.15
C ASN B 226 15.76 -1.36 -24.62
N LEU B 227 15.47 -2.38 -25.40
CA LEU B 227 15.33 -2.14 -26.82
C LEU B 227 14.16 -1.23 -27.14
N THR B 228 13.07 -1.35 -26.43
CA THR B 228 11.93 -0.49 -26.68
C THR B 228 12.31 0.96 -26.49
N LEU B 229 13.12 1.25 -25.49
CA LEU B 229 13.53 2.62 -25.22
C LEU B 229 14.72 3.08 -26.05
N TRP B 230 15.56 2.15 -26.52
CA TRP B 230 16.75 2.48 -27.29
C TRP B 230 16.44 2.77 -28.75
N THR B 231 15.30 2.31 -29.25
CA THR B 231 14.91 2.51 -30.64
C THR B 231 13.84 3.57 -30.78
N ASP C 3 -37.32 2.56 3.07
CA ASP C 3 -37.76 1.28 2.53
C ASP C 3 -36.78 0.16 2.88
N ASP C 4 -36.37 -0.60 1.87
CA ASP C 4 -35.49 -1.75 2.07
C ASP C 4 -34.03 -1.36 2.27
N TRP C 5 -33.70 -0.07 2.37
CA TRP C 5 -32.31 0.31 2.69
C TRP C 5 -32.26 1.12 3.96
N GLU C 6 -33.39 1.32 4.62
CA GLU C 6 -33.41 2.07 5.86
C GLU C 6 -32.90 1.18 6.98
N ILE C 7 -32.10 1.76 7.86
CA ILE C 7 -31.53 1.05 9.00
C ILE C 7 -32.28 1.50 10.25
N PRO C 8 -32.88 0.58 11.00
CA PRO C 8 -33.56 0.99 12.23
C PRO C 8 -32.61 1.69 13.17
N ASP C 9 -33.13 2.69 13.89
CA ASP C 9 -32.29 3.38 14.86
C ASP C 9 -31.91 2.45 15.98
N GLY C 10 -30.70 2.61 16.47
CA GLY C 10 -30.17 1.79 17.52
C GLY C 10 -29.23 0.72 17.02
N GLN C 11 -29.32 0.36 15.74
CA GLN C 11 -28.45 -0.66 15.20
C GLN C 11 -27.04 -0.13 14.92
N ILE C 12 -26.89 1.17 14.72
CA ILE C 12 -25.61 1.75 14.35
C ILE C 12 -25.02 2.46 15.56
N THR C 13 -23.84 2.01 15.99
CA THR C 13 -23.09 2.69 17.04
C THR C 13 -22.16 3.69 16.38
N VAL C 14 -22.43 4.98 16.57
CA VAL C 14 -21.58 6.00 15.96
C VAL C 14 -20.39 6.24 16.86
N GLY C 15 -19.20 6.19 16.27
CA GLY C 15 -17.96 6.33 17.00
C GLY C 15 -17.40 7.73 16.85
N GLN C 16 -16.13 7.81 16.49
CA GLN C 16 -15.41 9.08 16.51
C GLN C 16 -15.76 9.96 15.32
N ARG C 17 -15.82 11.26 15.55
CA ARG C 17 -16.00 12.20 14.45
C ARG C 17 -14.67 12.33 13.70
N ILE C 18 -14.69 12.00 12.41
CA ILE C 18 -13.47 11.94 11.61
C ILE C 18 -13.41 13.01 10.53
N GLY C 19 -14.51 13.66 10.16
CA GLY C 19 -14.39 14.70 9.16
C GLY C 19 -15.73 15.24 8.73
N SER C 20 -15.75 15.79 7.52
CA SER C 20 -16.95 16.39 6.94
C SER C 20 -17.20 15.85 5.55
N GLY C 21 -18.43 16.03 5.09
CA GLY C 21 -18.86 15.61 3.77
C GLY C 21 -19.62 16.72 3.07
N SER C 22 -20.52 16.35 2.15
CA SER C 22 -21.24 17.35 1.37
C SER C 22 -22.21 18.13 2.23
N PHE C 23 -23.13 17.43 2.90
CA PHE C 23 -24.15 18.04 3.76
C PHE C 23 -24.17 17.37 5.12
N GLY C 24 -23.02 17.28 5.77
CA GLY C 24 -22.98 16.73 7.10
C GLY C 24 -21.58 16.44 7.55
N THR C 25 -21.49 15.92 8.76
CA THR C 25 -20.23 15.53 9.36
C THR C 25 -20.13 14.01 9.35
N VAL C 26 -18.91 13.51 9.18
CA VAL C 26 -18.63 12.10 8.97
C VAL C 26 -17.99 11.53 10.23
N TYR C 27 -18.49 10.36 10.65
CA TYR C 27 -18.00 9.60 11.79
C TYR C 27 -17.72 8.17 11.34
N LYS C 28 -16.98 7.46 12.19
CA LYS C 28 -16.75 6.03 12.01
C LYS C 28 -17.79 5.31 12.87
N GLY C 29 -18.28 4.18 12.37
CA GLY C 29 -19.36 3.52 13.08
C GLY C 29 -19.25 2.02 12.94
N LYS C 30 -20.03 1.33 13.77
CA LYS C 30 -20.09 -0.13 13.76
C LYS C 30 -21.50 -0.58 13.44
N TRP C 31 -21.59 -1.39 12.38
CA TRP C 31 -22.85 -1.94 11.92
C TRP C 31 -22.45 -3.15 11.08
N HIS C 32 -22.49 -4.33 11.70
CA HIS C 32 -22.03 -5.56 11.05
C HIS C 32 -20.61 -5.39 10.53
N GLY C 33 -19.79 -4.70 11.32
CA GLY C 33 -18.42 -4.37 10.96
C GLY C 33 -18.23 -2.87 10.97
N ASP C 34 -17.26 -2.36 10.23
CA ASP C 34 -17.03 -0.94 10.16
C ASP C 34 -17.89 -0.31 9.06
N VAL C 35 -18.27 0.95 9.29
CA VAL C 35 -19.01 1.73 8.31
C VAL C 35 -18.60 3.19 8.47
N ALA C 36 -18.78 3.95 7.39
CA ALA C 36 -18.65 5.41 7.46
C ALA C 36 -20.06 5.98 7.51
N VAL C 37 -20.24 7.04 8.30
CA VAL C 37 -21.57 7.61 8.51
C VAL C 37 -21.48 9.11 8.28
N LYS C 38 -22.18 9.60 7.25
CA LYS C 38 -22.34 11.04 7.04
C LYS C 38 -23.69 11.42 7.63
N MET C 39 -23.69 12.39 8.53
CA MET C 39 -24.82 12.68 9.39
C MET C 39 -24.98 14.20 9.42
N LEU C 40 -26.18 14.69 9.21
CA LEU C 40 -26.43 16.11 9.44
C LEU C 40 -26.96 16.24 10.86
N ASN C 41 -26.27 17.05 11.66
CA ASN C 41 -26.54 17.17 13.08
C ASN C 41 -27.65 18.17 13.39
N VAL C 42 -28.28 18.77 12.37
CA VAL C 42 -29.35 19.71 12.60
C VAL C 42 -30.48 19.05 13.39
N THR C 43 -31.06 19.83 14.32
CA THR C 43 -32.15 19.33 15.14
C THR C 43 -33.37 18.96 14.31
N ALA C 44 -33.82 19.87 13.48
CA ALA C 44 -35.03 19.68 12.67
C ALA C 44 -34.57 19.97 11.25
N PRO C 45 -34.51 18.97 10.38
CA PRO C 45 -34.00 19.24 9.04
C PRO C 45 -34.95 20.19 8.34
N THR C 46 -34.38 21.20 7.70
CA THR C 46 -35.19 22.13 6.92
C THR C 46 -35.51 21.52 5.55
N PRO C 47 -36.57 21.99 4.86
CA PRO C 47 -37.04 21.27 3.66
C PRO C 47 -36.01 21.13 2.55
N GLN C 48 -34.96 21.94 2.55
CA GLN C 48 -33.91 21.83 1.56
C GLN C 48 -32.93 20.72 1.92
N GLN C 49 -32.68 20.53 3.22
CA GLN C 49 -31.78 19.49 3.68
C GLN C 49 -32.38 18.10 3.46
N LEU C 50 -33.70 17.96 3.59
CA LEU C 50 -34.29 16.65 3.33
C LEU C 50 -34.26 16.35 1.84
N GLN C 51 -34.38 17.40 1.01
CA GLN C 51 -34.27 17.21 -0.43
C GLN C 51 -32.86 16.80 -0.82
N ALA C 52 -31.85 17.47 -0.27
CA ALA C 52 -30.47 17.07 -0.53
C ALA C 52 -30.22 15.64 -0.09
N PHE C 53 -30.69 15.28 1.10
CA PHE C 53 -30.43 13.95 1.64
C PHE C 53 -31.12 12.85 0.85
N LYS C 54 -32.41 13.04 0.52
CA LYS C 54 -33.09 12.01 -0.27
C LYS C 54 -32.60 11.97 -1.71
N ASN C 55 -32.18 13.11 -2.27
CA ASN C 55 -31.57 13.09 -3.60
C ASN C 55 -30.28 12.28 -3.59
N GLU C 56 -29.44 12.49 -2.57
CA GLU C 56 -28.20 11.73 -2.49
C GLU C 56 -28.48 10.25 -2.30
N VAL C 57 -29.46 9.90 -1.45
CA VAL C 57 -29.77 8.49 -1.29
C VAL C 57 -30.26 7.89 -2.59
N GLY C 58 -31.11 8.64 -3.33
CA GLY C 58 -31.62 8.16 -4.60
C GLY C 58 -30.52 7.89 -5.61
N VAL C 59 -29.53 8.78 -5.68
CA VAL C 59 -28.41 8.56 -6.59
C VAL C 59 -27.61 7.34 -6.15
N LEU C 60 -27.29 7.26 -4.86
CA LEU C 60 -26.43 6.18 -4.37
C LEU C 60 -27.06 4.80 -4.50
N ARG C 61 -28.38 4.69 -4.35
CA ARG C 61 -28.99 3.36 -4.47
C ARG C 61 -29.01 2.84 -5.89
N LYS C 62 -28.50 3.61 -6.86
CA LYS C 62 -28.40 3.18 -8.24
C LYS C 62 -26.98 2.75 -8.58
N THR C 63 -26.08 2.81 -7.61
CA THR C 63 -24.65 2.56 -7.80
C THR C 63 -24.29 1.21 -7.20
N ARG C 64 -23.69 0.35 -8.01
CA ARG C 64 -23.28 -0.92 -7.45
C ARG C 64 -22.03 -1.37 -8.25
N HIS C 65 -20.87 -0.89 -7.80
CA HIS C 65 -19.59 -1.05 -8.51
C HIS C 65 -18.43 -1.01 -7.53
N VAL C 66 -17.37 -1.77 -7.84
CA VAL C 66 -16.24 -1.89 -6.91
C VAL C 66 -15.54 -0.56 -6.70
N ASN C 67 -15.58 0.36 -7.66
CA ASN C 67 -14.87 1.62 -7.55
C ASN C 67 -15.77 2.79 -7.14
N ILE C 68 -16.99 2.50 -6.69
CA ILE C 68 -17.87 3.49 -6.08
C ILE C 68 -18.00 3.16 -4.60
N LEU C 69 -17.80 4.16 -3.74
CA LEU C 69 -17.99 3.95 -2.30
C LEU C 69 -19.33 3.29 -2.06
N LEU C 70 -19.30 2.07 -1.53
CA LEU C 70 -20.49 1.26 -1.52
C LEU C 70 -21.48 1.79 -0.48
N PHE C 71 -22.60 2.29 -0.97
CA PHE C 71 -23.69 2.69 -0.10
C PHE C 71 -24.26 1.44 0.53
N MET C 72 -24.51 1.47 1.85
CA MET C 72 -24.99 0.28 2.55
C MET C 72 -26.39 0.45 3.13
N GLY C 73 -26.83 1.68 3.31
CA GLY C 73 -28.13 1.96 3.88
C GLY C 73 -28.17 3.41 4.31
N TYR C 74 -29.32 3.79 4.83
CA TYR C 74 -29.50 5.15 5.32
C TYR C 74 -30.34 5.10 6.58
N SER C 75 -30.25 6.17 7.36
CA SER C 75 -31.06 6.31 8.56
C SER C 75 -31.62 7.73 8.61
N THR C 76 -32.78 7.85 9.24
CA THR C 76 -33.43 9.14 9.43
C THR C 76 -33.82 9.40 10.88
N LYS C 77 -33.95 8.36 11.72
CA LYS C 77 -34.53 8.42 13.05
C LYS C 77 -33.90 9.48 13.96
N PRO C 78 -32.63 9.34 14.42
CA PRO C 78 -32.11 10.33 15.36
C PRO C 78 -31.89 11.63 14.59
N GLN C 79 -31.19 11.51 13.48
CA GLN C 79 -30.95 12.58 12.53
C GLN C 79 -30.66 11.88 11.20
N LEU C 80 -30.72 12.62 10.09
CA LEU C 80 -30.58 11.98 8.78
C LEU C 80 -29.14 11.56 8.54
N ALA C 81 -28.98 10.39 7.93
CA ALA C 81 -27.68 9.77 7.86
C ALA C 81 -27.58 8.85 6.67
N ILE C 82 -26.44 8.95 5.99
CA ILE C 82 -26.04 8.09 4.90
C ILE C 82 -24.90 7.20 5.41
N VAL C 83 -24.98 5.91 5.13
CA VAL C 83 -24.01 4.95 5.64
C VAL C 83 -23.37 4.23 4.46
N THR C 84 -22.04 4.16 4.47
CA THR C 84 -21.30 3.48 3.42
C THR C 84 -20.32 2.50 4.06
N GLN C 85 -19.65 1.75 3.20
CA GLN C 85 -18.56 0.89 3.63
C GLN C 85 -17.44 1.75 4.20
N TRP C 86 -16.65 1.18 5.10
CA TRP C 86 -15.53 1.91 5.67
C TRP C 86 -14.28 1.70 4.83
N CYS C 87 -13.54 2.77 4.58
CA CYS C 87 -12.30 2.73 3.89
C CYS C 87 -11.16 3.26 4.70
N GLU C 88 -10.31 2.37 5.14
CA GLU C 88 -9.24 2.71 6.05
C GLU C 88 -8.11 3.58 5.58
N GLY C 89 -7.82 3.63 4.31
CA GLY C 89 -6.81 4.56 3.84
C GLY C 89 -7.46 5.92 3.69
N SER C 90 -6.75 6.99 3.50
CA SER C 90 -7.44 8.28 3.42
C SER C 90 -7.89 8.66 2.06
N SER C 91 -8.02 9.94 1.81
CA SER C 91 -8.42 10.33 0.50
C SER C 91 -7.22 10.45 -0.37
N LEU C 92 -7.43 10.48 -1.67
CA LEU C 92 -6.32 10.61 -2.54
C LEU C 92 -5.66 11.92 -2.34
N TYR C 93 -6.41 12.93 -2.03
CA TYR C 93 -5.88 14.25 -1.76
C TYR C 93 -4.93 14.22 -0.57
N HIS C 94 -5.27 13.46 0.43
CA HIS C 94 -4.43 13.38 1.57
C HIS C 94 -3.09 12.81 1.21
N HIS C 95 -3.07 11.64 0.61
CA HIS C 95 -1.81 11.02 0.23
C HIS C 95 -1.01 11.87 -0.73
N LEU C 96 -1.66 12.60 -1.63
CA LEU C 96 -0.90 13.35 -2.63
C LEU C 96 -0.35 14.66 -2.08
N HIS C 97 -1.15 15.41 -1.32
CA HIS C 97 -0.77 16.78 -0.95
C HIS C 97 -0.58 17.03 0.53
N ALA C 98 -0.89 16.08 1.40
CA ALA C 98 -0.69 16.32 2.82
C ALA C 98 0.32 15.40 3.46
N SER C 99 0.42 14.17 2.98
CA SER C 99 1.43 13.24 3.44
C SER C 99 2.45 12.93 2.36
N GLU C 100 2.14 13.33 1.13
CA GLU C 100 3.03 13.16 -0.02
C GLU C 100 3.56 11.73 -0.09
N THR C 101 2.67 10.76 0.14
CA THR C 101 3.02 9.36 0.05
C THR C 101 3.68 9.09 -1.28
N LYS C 102 4.89 8.57 -1.27
CA LYS C 102 5.58 8.40 -2.54
C LYS C 102 5.04 7.14 -3.18
N PHE C 103 4.15 7.34 -4.15
CA PHE C 103 3.57 6.26 -4.94
C PHE C 103 4.46 6.01 -6.14
N GLU C 104 4.60 4.74 -6.51
CA GLU C 104 5.29 4.47 -7.76
C GLU C 104 4.36 4.83 -8.92
N MET C 105 4.96 5.07 -10.09
CA MET C 105 4.15 5.45 -11.25
C MET C 105 3.15 4.36 -11.60
N LYS C 106 3.51 3.09 -11.36
CA LYS C 106 2.60 1.98 -11.59
C LYS C 106 1.35 2.12 -10.73
N LYS C 107 1.53 2.51 -9.45
CA LYS C 107 0.41 2.66 -8.55
C LYS C 107 -0.45 3.87 -8.93
N LEU C 108 0.19 4.93 -9.41
CA LEU C 108 -0.55 6.10 -9.87
C LEU C 108 -1.40 5.77 -11.09
N ILE C 109 -0.82 5.03 -12.04
CA ILE C 109 -1.57 4.60 -13.22
C ILE C 109 -2.75 3.73 -12.80
N ASP C 110 -2.53 2.82 -11.85
CA ASP C 110 -3.63 1.96 -11.40
C ASP C 110 -4.74 2.77 -10.75
N ILE C 111 -4.38 3.80 -9.98
CA ILE C 111 -5.39 4.66 -9.36
C ILE C 111 -6.20 5.40 -10.43
N ALA C 112 -5.52 5.92 -11.44
CA ALA C 112 -6.25 6.60 -12.49
C ALA C 112 -7.11 5.61 -13.23
N ARG C 113 -6.61 4.41 -13.43
CA ARG C 113 -7.39 3.41 -14.12
C ARG C 113 -8.65 3.04 -13.38
N GLN C 114 -8.55 2.87 -12.07
CA GLN C 114 -9.72 2.50 -11.27
C GLN C 114 -10.73 3.61 -11.22
N THR C 115 -10.26 4.83 -11.05
CA THR C 115 -11.14 5.99 -11.04
C THR C 115 -11.89 6.11 -12.36
N ALA C 116 -11.19 5.87 -13.47
CA ALA C 116 -11.82 5.90 -14.78
C ALA C 116 -12.90 4.85 -14.90
N ARG C 117 -12.67 3.65 -14.33
CA ARG C 117 -13.72 2.65 -14.32
C ARG C 117 -14.94 3.13 -13.52
N GLY C 118 -14.69 3.78 -12.38
CA GLY C 118 -15.79 4.23 -11.54
C GLY C 118 -16.69 5.23 -12.25
N MET C 119 -16.08 6.20 -12.94
CA MET C 119 -16.93 7.18 -13.63
C MET C 119 -17.40 6.72 -15.00
N ASP C 120 -16.76 5.72 -15.62
CA ASP C 120 -17.40 5.07 -16.75
C ASP C 120 -18.71 4.41 -16.32
N TYR C 121 -18.67 3.68 -15.20
CA TYR C 121 -19.89 3.12 -14.65
C TYR C 121 -20.92 4.22 -14.38
N LEU C 122 -20.48 5.29 -13.70
CA LEU C 122 -21.40 6.36 -13.34
C LEU C 122 -22.06 6.98 -14.57
N HIS C 123 -21.26 7.35 -15.58
CA HIS C 123 -21.84 8.00 -16.75
C HIS C 123 -22.68 7.04 -17.58
N ALA C 124 -22.37 5.74 -17.53
CA ALA C 124 -23.17 4.77 -18.26
C ALA C 124 -24.57 4.57 -17.65
N LYS C 125 -24.74 4.91 -16.37
CA LYS C 125 -26.05 4.97 -15.73
C LYS C 125 -26.55 6.40 -15.62
N SER C 126 -26.07 7.28 -16.49
CA SER C 126 -26.49 8.68 -16.58
C SER C 126 -26.36 9.41 -15.25
N ILE C 127 -25.26 9.17 -14.55
CA ILE C 127 -24.98 9.82 -13.27
C ILE C 127 -23.87 10.84 -13.48
N ILE C 128 -24.14 12.09 -13.11
CA ILE C 128 -23.14 13.16 -13.13
C ILE C 128 -22.77 13.46 -11.68
N HIS C 129 -21.47 13.40 -11.36
CA HIS C 129 -21.04 13.54 -9.98
C HIS C 129 -20.97 15.01 -9.56
N ARG C 130 -20.47 15.87 -10.45
CA ARG C 130 -20.34 17.32 -10.26
C ARG C 130 -19.40 17.76 -9.14
N ASP C 131 -18.75 16.84 -8.44
CA ASP C 131 -17.73 17.25 -7.48
C ASP C 131 -16.57 16.29 -7.45
N LEU C 132 -16.18 15.75 -8.60
CA LEU C 132 -15.10 14.76 -8.56
C LEU C 132 -13.78 15.48 -8.33
N LYS C 133 -13.10 15.09 -7.27
CA LYS C 133 -11.82 15.64 -6.88
C LYS C 133 -11.07 14.59 -6.08
N SER C 134 -9.77 14.78 -5.91
CA SER C 134 -9.00 13.80 -5.15
C SER C 134 -9.48 13.67 -3.71
N ASN C 135 -10.18 14.68 -3.17
CA ASN C 135 -10.72 14.54 -1.82
C ASN C 135 -11.85 13.52 -1.77
N ASN C 136 -12.56 13.33 -2.87
CA ASN C 136 -13.68 12.40 -2.97
C ASN C 136 -13.27 11.04 -3.53
N ILE C 137 -11.97 10.75 -3.53
CA ILE C 137 -11.44 9.46 -3.97
C ILE C 137 -10.76 8.83 -2.76
N PHE C 138 -11.26 7.66 -2.34
CA PHE C 138 -10.81 7.02 -1.12
C PHE C 138 -10.06 5.74 -1.41
N LEU C 139 -9.05 5.46 -0.62
CA LEU C 139 -8.25 4.28 -0.80
C LEU C 139 -8.60 3.26 0.23
N HIS C 140 -8.88 2.06 -0.21
CA HIS C 140 -9.25 0.97 0.67
C HIS C 140 -8.08 0.06 0.80
N GLU C 141 -7.40 0.15 1.91
CA GLU C 141 -6.25 -0.70 2.17
C GLU C 141 -5.20 -0.74 1.10
N ASP C 142 -4.89 0.38 0.45
CA ASP C 142 -3.93 0.39 -0.67
C ASP C 142 -4.17 -0.77 -1.66
N ASN C 143 -5.43 -1.00 -2.05
CA ASN C 143 -5.77 -2.04 -3.01
C ASN C 143 -6.90 -1.63 -3.93
N THR C 144 -7.86 -0.88 -3.43
CA THR C 144 -8.96 -0.38 -4.23
C THR C 144 -9.26 1.09 -4.11
N VAL C 145 -9.64 1.69 -5.22
CA VAL C 145 -10.03 3.09 -5.28
C VAL C 145 -11.56 3.13 -5.20
N LYS C 146 -12.09 4.12 -4.50
CA LYS C 146 -13.53 4.18 -4.26
C LYS C 146 -13.99 5.64 -4.37
N ILE C 147 -14.89 5.93 -5.32
CA ILE C 147 -15.40 7.28 -5.52
C ILE C 147 -16.57 7.54 -4.55
N GLY C 148 -16.55 8.70 -3.90
CA GLY C 148 -17.59 8.95 -2.92
C GLY C 148 -18.17 10.36 -2.84
N ASP C 149 -19.02 10.58 -1.83
CA ASP C 149 -19.71 11.85 -1.61
C ASP C 149 -20.55 12.30 -2.79
N PHE C 150 -21.68 11.64 -3.03
CA PHE C 150 -22.56 11.99 -4.13
C PHE C 150 -23.62 13.01 -3.74
N GLY C 151 -23.32 13.85 -2.74
CA GLY C 151 -24.29 14.83 -2.30
C GLY C 151 -24.62 15.87 -3.34
N LEU C 152 -23.70 16.10 -4.28
CA LEU C 152 -23.91 17.06 -5.37
C LEU C 152 -24.17 16.37 -6.70
N ALA C 153 -24.42 15.07 -6.70
CA ALA C 153 -24.62 14.30 -7.92
C ALA C 153 -26.08 14.34 -8.38
N THR C 154 -26.28 13.97 -9.65
CA THR C 154 -27.62 13.88 -10.18
C THR C 154 -27.69 12.85 -11.29
N VAL C 155 -28.90 12.40 -11.58
CA VAL C 155 -29.20 11.68 -12.80
C VAL C 155 -29.51 12.76 -13.84
N LYS C 156 -28.92 12.67 -15.02
CA LYS C 156 -29.19 13.70 -16.03
C LYS C 156 -30.49 13.36 -16.74
N SER C 157 -31.50 14.19 -16.52
CA SER C 157 -32.82 13.99 -17.06
C SER C 157 -33.15 15.18 -17.94
N ARG C 158 -33.97 14.95 -18.95
CA ARG C 158 -34.37 16.02 -19.87
C ARG C 158 -34.87 17.26 -19.13
N GLY C 170 -17.07 24.66 -3.29
CA GLY C 170 -15.92 25.54 -3.13
C GLY C 170 -14.69 24.94 -3.77
N SER C 171 -14.81 23.70 -4.23
CA SER C 171 -13.72 22.98 -4.89
C SER C 171 -13.57 23.47 -6.32
N ILE C 172 -12.89 24.60 -6.45
CA ILE C 172 -12.83 25.30 -7.73
C ILE C 172 -11.82 24.72 -8.72
N LEU C 173 -10.78 24.03 -8.26
CA LEU C 173 -9.67 23.70 -9.17
C LEU C 173 -10.03 22.54 -10.08
N TRP C 174 -11.14 21.86 -9.81
CA TRP C 174 -11.63 20.79 -10.67
C TRP C 174 -12.81 21.24 -11.52
N MET C 175 -13.22 22.49 -11.43
CA MET C 175 -14.35 22.99 -12.19
C MET C 175 -13.93 23.33 -13.60
N ALA C 176 -14.66 22.83 -14.57
CA ALA C 176 -14.37 23.16 -15.95
C ALA C 176 -14.71 24.63 -16.18
N PRO C 177 -14.04 25.24 -17.11
CA PRO C 177 -14.29 26.65 -17.40
C PRO C 177 -15.77 27.01 -17.60
N GLU C 178 -16.51 26.22 -18.34
CA GLU C 178 -17.93 26.54 -18.51
C GLU C 178 -18.66 26.53 -17.18
N VAL C 179 -18.25 25.67 -16.27
CA VAL C 179 -18.86 25.63 -14.95
C VAL C 179 -18.50 26.87 -14.15
N ILE C 180 -17.34 27.48 -14.41
CA ILE C 180 -16.99 28.68 -13.66
C ILE C 180 -17.84 29.84 -14.14
N ARG C 181 -18.02 29.90 -15.44
CA ARG C 181 -18.77 30.99 -16.03
C ARG C 181 -20.22 30.98 -15.61
N MET C 182 -20.79 29.78 -15.55
CA MET C 182 -22.16 29.59 -15.14
C MET C 182 -23.10 30.52 -15.88
N GLN C 183 -22.72 30.93 -17.07
CA GLN C 183 -23.58 31.80 -17.87
C GLN C 183 -24.75 31.01 -18.43
N ASP C 184 -24.52 29.73 -18.67
CA ASP C 184 -25.55 28.78 -19.05
C ASP C 184 -26.33 28.35 -17.80
N SER C 185 -27.59 27.95 -17.96
CA SER C 185 -28.39 27.55 -16.82
C SER C 185 -27.84 26.33 -16.11
N ASN C 186 -27.39 25.34 -16.85
CA ASN C 186 -26.81 24.18 -16.21
C ASN C 186 -25.55 23.85 -16.94
N PRO C 187 -24.44 24.33 -16.39
CA PRO C 187 -23.12 24.11 -17.01
C PRO C 187 -22.57 22.72 -16.75
N TYR C 188 -23.10 22.04 -15.73
CA TYR C 188 -22.59 20.72 -15.36
C TYR C 188 -23.07 19.67 -16.36
N SER C 189 -22.17 18.75 -16.69
CA SER C 189 -22.46 17.72 -17.67
C SER C 189 -21.43 16.61 -17.53
N PHE C 190 -21.50 15.64 -18.43
CA PHE C 190 -20.56 14.55 -18.41
C PHE C 190 -19.19 15.09 -18.69
N GLN C 191 -19.14 16.04 -19.62
CA GLN C 191 -17.90 16.63 -20.00
C GLN C 191 -17.25 17.37 -18.84
N SER C 192 -18.04 18.06 -18.04
CA SER C 192 -17.49 18.78 -16.91
C SER C 192 -16.81 17.78 -15.99
N ASP C 193 -17.41 16.62 -15.84
CA ASP C 193 -16.83 15.56 -15.03
C ASP C 193 -15.52 15.08 -15.64
N VAL C 194 -15.47 14.97 -16.97
CA VAL C 194 -14.24 14.58 -17.64
C VAL C 194 -13.14 15.60 -17.38
N TYR C 195 -13.50 16.88 -17.27
CA TYR C 195 -12.49 17.90 -16.98
C TYR C 195 -12.00 17.78 -15.54
N ALA C 196 -12.91 17.50 -14.60
CA ALA C 196 -12.47 17.22 -13.24
C ALA C 196 -11.52 16.04 -13.20
N PHE C 197 -11.83 15.00 -13.97
CA PHE C 197 -10.95 13.85 -14.07
C PHE C 197 -9.59 14.23 -14.62
N GLY C 198 -9.56 15.09 -15.63
CA GLY C 198 -8.30 15.61 -16.14
C GLY C 198 -7.48 16.27 -15.03
N ILE C 199 -8.15 17.05 -14.18
CA ILE C 199 -7.44 17.68 -13.07
C ILE C 199 -6.92 16.63 -12.08
N VAL C 200 -7.69 15.55 -11.87
CA VAL C 200 -7.23 14.51 -10.94
C VAL C 200 -6.00 13.80 -11.52
N LEU C 201 -6.00 13.59 -12.84
CA LEU C 201 -4.83 13.03 -13.50
C LEU C 201 -3.64 13.98 -13.38
N TYR C 202 -3.92 15.28 -13.46
CA TYR C 202 -2.87 16.27 -13.23
C TYR C 202 -2.26 16.07 -11.85
N GLU C 203 -3.11 15.91 -10.83
CA GLU C 203 -2.59 15.66 -9.49
C GLU C 203 -1.76 14.38 -9.42
N LEU C 204 -2.22 13.32 -10.09
CA LEU C 204 -1.51 12.04 -10.02
C LEU C 204 -0.15 12.09 -10.70
N MET C 205 -0.08 12.71 -11.88
CA MET C 205 1.13 12.75 -12.68
C MET C 205 2.01 13.94 -12.31
N THR C 206 1.46 14.89 -11.57
CA THR C 206 2.12 16.12 -11.16
C THR C 206 2.65 16.04 -9.74
N GLY C 207 1.88 15.50 -8.78
CA GLY C 207 2.25 15.51 -7.37
C GLY C 207 1.80 16.74 -6.63
N GLN C 208 1.27 17.72 -7.36
CA GLN C 208 0.91 19.03 -6.85
C GLN C 208 -0.49 19.37 -7.33
N LEU C 209 -1.11 20.34 -6.68
CA LEU C 209 -2.35 20.89 -7.22
C LEU C 209 -2.04 21.89 -8.33
N PRO C 210 -2.95 22.08 -9.27
CA PRO C 210 -2.68 23.05 -10.35
C PRO C 210 -2.74 24.47 -9.84
N TYR C 211 -2.13 25.36 -10.62
CA TYR C 211 -2.09 26.80 -10.32
C TYR C 211 -1.51 27.06 -8.93
N SER C 212 -0.34 26.48 -8.66
CA SER C 212 0.24 26.57 -7.32
C SER C 212 0.70 27.99 -7.02
N ASN C 213 1.12 28.74 -8.04
CA ASN C 213 1.57 30.11 -7.84
C ASN C 213 0.46 31.13 -7.55
N ILE C 214 -0.80 30.93 -7.99
CA ILE C 214 -1.80 31.97 -7.70
C ILE C 214 -2.33 31.74 -6.30
N ASN C 215 -2.45 32.83 -5.54
CA ASN C 215 -2.64 32.84 -4.08
C ASN C 215 -4.10 32.88 -3.69
N ASN C 216 -4.87 33.68 -4.41
CA ASN C 216 -6.24 33.93 -4.02
C ASN C 216 -7.18 33.17 -4.94
N ARG C 217 -8.33 32.82 -4.35
CA ARG C 217 -9.32 31.97 -4.99
C ARG C 217 -10.10 32.74 -6.06
N ASP C 218 -10.46 33.99 -5.76
CA ASP C 218 -11.24 34.77 -6.70
C ASP C 218 -10.45 35.06 -7.99
N GLN C 219 -9.15 35.34 -7.87
CA GLN C 219 -8.30 35.52 -9.05
C GLN C 219 -8.29 34.27 -9.93
N ILE C 220 -8.15 33.11 -9.31
CA ILE C 220 -8.03 31.90 -10.10
C ILE C 220 -9.36 31.62 -10.80
N ILE C 221 -10.49 31.84 -10.11
CA ILE C 221 -11.80 31.68 -10.75
C ILE C 221 -11.91 32.57 -11.98
N GLU C 222 -11.54 33.83 -11.78
CA GLU C 222 -11.61 34.84 -12.83
C GLU C 222 -10.78 34.51 -14.07
N MET C 223 -9.56 34.01 -13.87
CA MET C 223 -8.70 33.70 -15.00
C MET C 223 -9.07 32.38 -15.69
N VAL C 224 -9.46 31.34 -14.95
CA VAL C 224 -9.85 30.14 -15.67
C VAL C 224 -11.17 30.35 -16.42
N GLY C 225 -12.09 31.17 -15.90
CA GLY C 225 -13.34 31.39 -16.62
C GLY C 225 -13.12 32.03 -17.98
N ARG C 226 -12.27 33.04 -18.07
CA ARG C 226 -11.95 33.64 -19.36
C ARG C 226 -11.18 32.69 -20.28
N GLY C 227 -10.33 31.84 -19.72
CA GLY C 227 -9.43 31.03 -20.50
C GLY C 227 -7.99 31.49 -20.49
N SER C 228 -7.70 32.64 -19.87
CA SER C 228 -6.33 33.10 -19.70
C SER C 228 -5.47 32.08 -18.96
N LEU C 229 -6.06 31.24 -18.11
CA LEU C 229 -5.32 30.32 -17.27
C LEU C 229 -5.72 28.87 -17.53
N SER C 230 -4.73 28.02 -17.72
CA SER C 230 -4.90 26.58 -17.86
C SER C 230 -3.75 25.90 -17.12
N PRO C 231 -3.94 24.64 -16.70
CA PRO C 231 -2.88 23.95 -15.95
C PRO C 231 -1.57 23.85 -16.72
N ASP C 232 -0.46 23.94 -15.99
CA ASP C 232 0.86 23.86 -16.59
C ASP C 232 1.29 22.43 -16.67
N LEU C 233 1.23 21.84 -17.85
CA LEU C 233 1.59 20.44 -18.02
C LEU C 233 3.07 20.11 -17.97
N SER C 234 3.93 21.10 -18.01
CA SER C 234 5.35 20.84 -17.97
C SER C 234 5.77 20.33 -16.61
N LYS C 235 4.89 20.44 -15.64
CA LYS C 235 5.11 20.07 -14.27
C LYS C 235 4.78 18.59 -14.03
N VAL C 236 4.54 17.84 -15.12
CA VAL C 236 4.29 16.40 -15.06
C VAL C 236 5.61 15.68 -14.81
N ARG C 237 5.57 14.63 -13.99
CA ARG C 237 6.81 13.95 -13.64
C ARG C 237 7.37 13.19 -14.82
N SER C 238 8.68 12.96 -14.76
CA SER C 238 9.41 12.54 -15.95
C SER C 238 9.07 11.13 -16.39
N ASN C 239 8.70 10.24 -15.46
CA ASN C 239 8.38 8.87 -15.83
C ASN C 239 6.92 8.68 -16.25
N CYS C 240 6.15 9.75 -16.31
CA CYS C 240 4.75 9.65 -16.72
C CYS C 240 4.64 9.27 -18.18
N PRO C 241 3.95 8.16 -18.50
CA PRO C 241 3.82 7.76 -19.90
C PRO C 241 3.29 8.90 -20.76
N LYS C 242 3.77 8.97 -22.00
CA LYS C 242 3.34 10.05 -22.88
C LYS C 242 1.86 9.94 -23.22
N ARG C 243 1.33 8.72 -23.34
CA ARG C 243 -0.09 8.58 -23.61
C ARG C 243 -0.93 9.19 -22.50
N MET C 244 -0.50 9.03 -21.24
CA MET C 244 -1.23 9.59 -20.12
C MET C 244 -1.23 11.11 -20.15
N LYS C 245 -0.09 11.70 -20.53
CA LYS C 245 -0.01 13.16 -20.65
C LYS C 245 -0.93 13.66 -21.76
N ARG C 246 -0.96 12.96 -22.90
CA ARG C 246 -1.87 13.33 -23.97
C ARG C 246 -3.32 13.22 -23.51
N LEU C 247 -3.66 12.13 -22.82
CA LEU C 247 -5.03 11.96 -22.33
C LEU C 247 -5.42 13.07 -21.36
N MET C 248 -4.48 13.52 -20.53
CA MET C 248 -4.77 14.65 -19.66
C MET C 248 -5.11 15.88 -20.49
N ALA C 249 -4.29 16.14 -21.50
CA ALA C 249 -4.55 17.26 -22.39
C ALA C 249 -5.94 17.13 -23.02
N GLU C 250 -6.31 15.92 -23.42
CA GLU C 250 -7.61 15.70 -24.07
C GLU C 250 -8.75 15.97 -23.10
N CYS C 251 -8.61 15.54 -21.85
CA CYS C 251 -9.68 15.71 -20.88
C CYS C 251 -9.76 17.15 -20.38
N LEU C 252 -8.77 17.97 -20.66
CA LEU C 252 -8.79 19.31 -20.14
C LEU C 252 -9.00 20.41 -21.14
N LYS C 253 -9.35 20.07 -22.35
CA LYS C 253 -9.51 21.10 -23.36
C LYS C 253 -10.55 22.11 -23.01
N LYS C 254 -10.21 23.35 -23.30
CA LYS C 254 -11.06 24.45 -22.97
C LYS C 254 -12.50 24.32 -23.38
N LYS C 255 -12.72 23.66 -24.49
CA LYS C 255 -14.05 23.56 -24.97
C LYS C 255 -14.58 22.20 -24.85
N ARG C 256 -15.64 22.10 -24.12
CA ARG C 256 -16.20 20.86 -23.79
C ARG C 256 -16.30 19.74 -24.74
N ASP C 257 -16.63 19.96 -25.98
CA ASP C 257 -16.87 18.90 -26.94
C ASP C 257 -15.60 18.34 -27.55
N GLU C 258 -14.45 18.92 -27.24
CA GLU C 258 -13.17 18.33 -27.65
C GLU C 258 -12.67 17.31 -26.65
N ARG C 259 -13.40 17.13 -25.55
CA ARG C 259 -13.02 16.19 -24.53
C ARG C 259 -13.53 14.81 -24.88
N PRO C 260 -12.78 13.75 -24.51
CA PRO C 260 -13.21 12.37 -24.78
C PRO C 260 -14.29 11.93 -23.80
N SER C 261 -14.90 10.79 -24.12
CA SER C 261 -15.89 10.16 -23.27
C SER C 261 -15.19 9.10 -22.43
N PHE C 262 -15.82 8.76 -21.30
CA PHE C 262 -15.18 7.82 -20.39
C PHE C 262 -14.99 6.40 -20.93
N PRO C 263 -15.82 5.86 -21.83
CA PRO C 263 -15.43 4.57 -22.42
C PRO C 263 -14.09 4.65 -23.11
N ARG C 264 -13.84 5.79 -23.77
CA ARG C 264 -12.62 6.01 -24.53
C ARG C 264 -11.43 6.30 -23.61
N ILE C 265 -11.67 7.08 -22.56
CA ILE C 265 -10.66 7.34 -21.54
C ILE C 265 -10.25 6.05 -20.84
N LEU C 266 -11.26 5.27 -20.44
CA LEU C 266 -11.02 4.02 -19.72
C LEU C 266 -10.28 3.03 -20.60
N ALA C 267 -10.70 2.89 -21.86
CA ALA C 267 -10.04 1.94 -22.74
C ALA C 267 -8.59 2.31 -22.96
N GLU C 268 -8.29 3.61 -23.15
CA GLU C 268 -6.91 3.97 -23.43
C GLU C 268 -6.04 3.92 -22.19
N ILE C 269 -6.58 4.29 -21.01
CA ILE C 269 -5.77 4.09 -19.82
C ILE C 269 -5.54 2.61 -19.54
N GLU C 270 -6.51 1.75 -19.90
CA GLU C 270 -6.30 0.35 -19.53
C GLU C 270 -5.24 -0.24 -20.42
N GLU C 271 -5.36 0.07 -21.70
CA GLU C 271 -4.44 -0.40 -22.70
C GLU C 271 -3.08 0.13 -22.34
N LEU C 272 -3.08 1.38 -21.93
CA LEU C 272 -1.93 2.14 -21.49
C LEU C 272 -1.29 1.57 -20.24
N ALA C 273 -2.09 1.04 -19.33
CA ALA C 273 -1.56 0.46 -18.09
C ALA C 273 -0.71 -0.74 -18.41
N ARG C 274 -1.12 -1.45 -19.44
CA ARG C 274 -0.40 -2.58 -19.97
C ARG C 274 0.80 -2.01 -20.71
N GLU C 275 1.94 -2.68 -20.65
CA GLU C 275 3.15 -2.32 -21.37
C GLU C 275 3.99 -1.24 -20.70
N LEU C 276 3.71 -0.89 -19.44
CA LEU C 276 4.49 0.20 -18.87
C LEU C 276 5.88 -0.29 -18.49
N PRO C 277 6.93 0.44 -18.87
CA PRO C 277 8.29 0.01 -18.58
C PRO C 277 8.56 0.06 -17.09
N LYS C 278 9.59 -0.66 -16.66
CA LYS C 278 9.96 -0.59 -15.25
C LYS C 278 10.38 0.83 -14.89
N ILE C 279 11.46 1.25 -15.55
CA ILE C 279 11.98 2.58 -15.39
C ILE C 279 12.25 3.21 -16.77
N HIS C 280 12.35 4.53 -16.81
CA HIS C 280 12.56 5.29 -18.05
C HIS C 280 13.87 5.16 -18.87
N ARG C 281 15.02 5.15 -18.22
CA ARG C 281 16.32 5.04 -18.91
C ARG C 281 16.94 3.65 -19.02
N SER C 282 18.15 3.58 -19.56
CA SER C 282 18.81 2.31 -19.76
C SER C 282 19.00 1.58 -18.46
N ALA C 283 18.83 0.26 -18.48
CA ALA C 283 18.96 -0.53 -17.27
C ALA C 283 19.94 -1.70 -17.33
N SEP C 284 20.74 -1.85 -16.28
CA SEP C 284 21.71 -2.93 -16.20
CB SEP C 284 23.07 -2.43 -15.69
OG SEP C 284 22.97 -1.80 -14.43
C SEP C 284 21.19 -4.00 -15.28
O SEP C 284 20.17 -3.81 -14.63
P SEP C 284 24.22 -1.02 -13.80
O1P SEP C 284 23.59 -0.14 -12.79
O2P SEP C 284 24.84 -0.29 -14.94
O3P SEP C 284 25.09 -2.10 -13.25
N GLU C 285 21.88 -5.13 -15.23
CA GLU C 285 21.44 -6.23 -14.40
C GLU C 285 21.47 -5.87 -12.94
N PRO C 286 20.39 -6.18 -12.23
CA PRO C 286 20.21 -5.98 -10.81
C PRO C 286 19.66 -7.24 -10.17
N SER C 287 20.30 -7.76 -9.14
CA SER C 287 19.78 -8.95 -8.48
C SER C 287 19.49 -8.52 -7.08
N LEU C 288 19.91 -7.30 -6.81
CA LEU C 288 19.78 -6.69 -5.50
C LEU C 288 18.95 -5.40 -5.53
N ASP D 3 -35.84 -3.68 -15.29
CA ASP D 3 -34.83 -2.72 -15.72
C ASP D 3 -34.06 -2.13 -14.54
N ASP D 4 -34.29 -2.68 -13.38
CA ASP D 4 -33.70 -2.20 -12.17
C ASP D 4 -32.20 -2.42 -12.17
N TRP D 5 -31.71 -3.67 -12.30
CA TRP D 5 -30.32 -4.08 -12.36
C TRP D 5 -30.03 -4.89 -13.63
N GLU D 6 -30.97 -4.92 -14.57
CA GLU D 6 -30.79 -5.67 -15.80
C GLU D 6 -29.74 -4.97 -16.66
N ILE D 7 -28.85 -5.77 -17.25
CA ILE D 7 -27.79 -5.26 -18.11
C ILE D 7 -28.12 -5.64 -19.55
N PRO D 8 -28.24 -4.67 -20.46
CA PRO D 8 -28.54 -4.99 -21.87
C PRO D 8 -27.54 -5.93 -22.51
N ASP D 9 -28.03 -6.71 -23.47
CA ASP D 9 -27.18 -7.60 -24.24
C ASP D 9 -26.17 -6.82 -25.08
N GLY D 10 -24.98 -7.39 -25.21
CA GLY D 10 -23.93 -6.80 -26.00
C GLY D 10 -22.95 -6.01 -25.18
N GLN D 11 -23.37 -5.54 -24.00
CA GLN D 11 -22.52 -4.72 -23.15
C GLN D 11 -21.48 -5.52 -22.41
N ILE D 12 -21.72 -6.82 -22.18
CA ILE D 12 -20.84 -7.64 -21.37
C ILE D 12 -20.05 -8.55 -22.31
N THR D 13 -18.73 -8.37 -22.30
CA THR D 13 -17.78 -9.20 -23.04
C THR D 13 -17.37 -10.34 -22.11
N VAL D 14 -17.81 -11.56 -22.41
CA VAL D 14 -17.54 -12.72 -21.58
C VAL D 14 -16.23 -13.36 -22.04
N GLY D 15 -15.32 -13.63 -21.09
CA GLY D 15 -13.99 -14.15 -21.36
C GLY D 15 -13.81 -15.64 -21.10
N GLN D 16 -12.75 -15.99 -20.36
CA GLN D 16 -12.37 -17.38 -20.18
C GLN D 16 -13.25 -18.07 -19.16
N ARG D 17 -13.50 -19.37 -19.41
CA ARG D 17 -14.24 -20.16 -18.44
C ARG D 17 -13.36 -20.45 -17.24
N ILE D 18 -13.85 -20.08 -16.07
CA ILE D 18 -13.08 -20.21 -14.86
C ILE D 18 -13.58 -21.35 -14.00
N GLY D 19 -14.83 -21.74 -14.13
CA GLY D 19 -15.28 -22.85 -13.31
C GLY D 19 -16.79 -22.97 -13.35
N SER D 20 -17.33 -23.53 -12.29
CA SER D 20 -18.77 -23.67 -12.17
C SER D 20 -19.19 -23.06 -10.84
N GLY D 21 -20.47 -22.73 -10.74
CA GLY D 21 -21.03 -22.21 -9.52
C GLY D 21 -22.20 -23.11 -9.23
N SER D 22 -23.21 -22.65 -8.50
CA SER D 22 -24.30 -23.54 -8.11
C SER D 22 -25.15 -23.91 -9.32
N PHE D 23 -25.72 -22.90 -10.02
CA PHE D 23 -26.65 -23.15 -11.12
C PHE D 23 -26.16 -22.47 -12.40
N GLY D 24 -24.90 -22.73 -12.72
CA GLY D 24 -24.32 -22.22 -13.95
C GLY D 24 -22.82 -22.34 -13.89
N THR D 25 -22.21 -21.96 -15.01
CA THR D 25 -20.76 -21.94 -15.12
C THR D 25 -20.30 -20.49 -15.10
N VAL D 26 -19.13 -20.28 -14.51
CA VAL D 26 -18.61 -18.95 -14.23
C VAL D 26 -17.47 -18.64 -15.19
N TYR D 27 -17.52 -17.44 -15.75
CA TYR D 27 -16.51 -16.89 -16.64
C TYR D 27 -16.11 -15.50 -16.17
N LYS D 28 -15.01 -15.00 -16.71
CA LYS D 28 -14.53 -13.64 -16.48
C LYS D 28 -15.07 -12.78 -17.60
N GLY D 29 -15.39 -11.53 -17.28
CA GLY D 29 -16.03 -10.66 -18.25
C GLY D 29 -15.59 -9.23 -18.08
N LYS D 30 -15.89 -8.41 -19.10
CA LYS D 30 -15.53 -7.00 -19.06
C LYS D 30 -16.82 -6.18 -19.15
N TRP D 31 -17.05 -5.36 -18.13
CA TRP D 31 -18.23 -4.48 -18.07
C TRP D 31 -17.85 -3.37 -17.09
N HIS D 32 -17.43 -2.22 -17.62
CA HIS D 32 -16.92 -1.10 -16.82
C HIS D 32 -15.81 -1.55 -15.88
N GLY D 33 -14.95 -2.43 -16.40
CA GLY D 33 -13.89 -3.02 -15.61
C GLY D 33 -14.05 -4.53 -15.65
N ASP D 34 -13.52 -5.21 -14.65
CA ASP D 34 -13.66 -6.65 -14.58
C ASP D 34 -14.97 -7.02 -13.88
N VAL D 35 -15.53 -8.15 -14.26
CA VAL D 35 -16.73 -8.70 -13.61
C VAL D 35 -16.62 -10.22 -13.66
N ALA D 36 -17.30 -10.87 -12.74
CA ALA D 36 -17.52 -12.31 -12.79
C ALA D 36 -18.94 -12.56 -13.28
N VAL D 37 -19.13 -13.62 -14.07
CA VAL D 37 -20.46 -13.91 -14.60
C VAL D 37 -20.76 -15.39 -14.36
N LYS D 38 -21.81 -15.65 -13.58
CA LYS D 38 -22.37 -16.99 -13.45
C LYS D 38 -23.51 -17.07 -14.45
N MET D 39 -23.41 -18.05 -15.33
CA MET D 39 -24.32 -18.20 -16.42
C MET D 39 -24.77 -19.63 -16.60
N LEU D 40 -25.93 -19.79 -17.20
CA LEU D 40 -26.48 -21.10 -17.48
C LEU D 40 -26.34 -21.29 -18.99
N ASN D 41 -25.58 -22.29 -19.39
CA ASN D 41 -25.33 -22.55 -20.80
C ASN D 41 -26.49 -23.23 -21.50
N VAL D 42 -27.70 -22.68 -21.41
CA VAL D 42 -28.81 -23.33 -22.07
C VAL D 42 -29.58 -22.35 -22.94
N THR D 43 -30.11 -22.87 -24.05
CA THR D 43 -30.96 -22.08 -24.92
C THR D 43 -32.24 -21.64 -24.21
N ALA D 44 -32.94 -22.58 -23.60
CA ALA D 44 -34.25 -22.31 -22.98
C ALA D 44 -34.29 -22.79 -21.54
N PRO D 45 -34.32 -21.89 -20.56
CA PRO D 45 -34.39 -22.32 -19.17
C PRO D 45 -35.72 -22.99 -18.85
N THR D 46 -35.65 -24.04 -18.03
CA THR D 46 -36.86 -24.68 -17.56
C THR D 46 -37.48 -23.82 -16.45
N PRO D 47 -38.75 -24.04 -16.11
CA PRO D 47 -39.39 -23.16 -15.12
C PRO D 47 -38.69 -23.23 -13.78
N GLN D 48 -37.99 -24.34 -13.52
CA GLN D 48 -37.26 -24.57 -12.28
C GLN D 48 -35.95 -23.81 -12.27
N GLN D 49 -35.22 -23.79 -13.39
CA GLN D 49 -33.99 -23.01 -13.44
C GLN D 49 -34.29 -21.51 -13.45
N LEU D 50 -35.40 -21.13 -14.06
CA LEU D 50 -35.77 -19.72 -14.12
C LEU D 50 -36.25 -19.22 -12.77
N GLN D 51 -36.96 -20.06 -12.01
CA GLN D 51 -37.36 -19.64 -10.67
C GLN D 51 -36.16 -19.59 -9.73
N ALA D 52 -35.26 -20.58 -9.83
CA ALA D 52 -34.03 -20.54 -9.04
C ALA D 52 -33.24 -19.27 -9.31
N PHE D 53 -33.09 -18.91 -10.58
CA PHE D 53 -32.36 -17.70 -10.94
C PHE D 53 -33.08 -16.46 -10.41
N LYS D 54 -34.41 -16.48 -10.43
CA LYS D 54 -35.14 -15.33 -9.97
C LYS D 54 -34.98 -15.17 -8.46
N ASN D 55 -34.93 -16.28 -7.72
CA ASN D 55 -34.73 -16.22 -6.29
C ASN D 55 -33.33 -15.69 -5.97
N GLU D 56 -32.32 -16.15 -6.70
CA GLU D 56 -30.98 -15.65 -6.40
C GLU D 56 -30.86 -14.16 -6.69
N VAL D 57 -31.46 -13.67 -7.77
CA VAL D 57 -31.39 -12.23 -8.01
C VAL D 57 -32.13 -11.48 -6.90
N GLY D 58 -33.28 -12.01 -6.48
CA GLY D 58 -34.03 -11.36 -5.42
C GLY D 58 -33.24 -11.28 -4.13
N VAL D 59 -32.51 -12.35 -3.80
CA VAL D 59 -31.68 -12.35 -2.60
C VAL D 59 -30.50 -11.39 -2.74
N LEU D 60 -29.79 -11.46 -3.87
CA LEU D 60 -28.59 -10.63 -4.04
C LEU D 60 -28.95 -9.15 -4.06
N ARG D 61 -30.15 -8.79 -4.52
CA ARG D 61 -30.55 -7.40 -4.57
C ARG D 61 -30.75 -6.79 -3.18
N LYS D 62 -30.67 -7.59 -2.12
CA LYS D 62 -30.75 -7.12 -0.75
C LYS D 62 -29.41 -7.11 -0.06
N THR D 63 -28.34 -7.50 -0.76
CA THR D 63 -27.03 -7.64 -0.14
C THR D 63 -26.22 -6.43 -0.52
N ARG D 64 -25.80 -5.68 0.49
CA ARG D 64 -25.01 -4.53 0.17
C ARG D 64 -24.05 -4.34 1.36
N HIS D 65 -22.93 -5.07 1.29
CA HIS D 65 -21.96 -5.20 2.38
C HIS D 65 -20.58 -5.54 1.82
N VAL D 66 -19.55 -5.05 2.52
CA VAL D 66 -18.18 -5.22 2.03
C VAL D 66 -17.75 -6.69 1.98
N ASN D 67 -18.30 -7.54 2.84
CA ASN D 67 -17.88 -8.94 2.88
C ASN D 67 -18.82 -9.86 2.13
N ILE D 68 -19.75 -9.30 1.36
CA ILE D 68 -20.59 -10.06 0.46
C ILE D 68 -20.16 -9.72 -0.95
N LEU D 69 -19.91 -10.74 -1.76
CA LEU D 69 -19.57 -10.56 -3.16
C LEU D 69 -20.57 -9.61 -3.80
N LEU D 70 -20.07 -8.47 -4.28
CA LEU D 70 -20.98 -7.43 -4.71
C LEU D 70 -21.71 -7.81 -5.99
N PHE D 71 -23.01 -8.04 -5.88
CA PHE D 71 -23.86 -8.25 -7.04
C PHE D 71 -23.92 -6.95 -7.81
N MET D 72 -23.78 -7.00 -9.14
CA MET D 72 -23.76 -5.79 -9.95
C MET D 72 -24.90 -5.71 -10.93
N GLY D 73 -25.51 -6.83 -11.29
CA GLY D 73 -26.60 -6.82 -12.23
C GLY D 73 -26.91 -8.22 -12.70
N TYR D 74 -27.94 -8.31 -13.52
CA TYR D 74 -28.40 -9.57 -14.07
C TYR D 74 -28.77 -9.34 -15.53
N SER D 75 -28.78 -10.43 -16.27
CA SER D 75 -29.15 -10.36 -17.67
C SER D 75 -30.06 -11.53 -17.99
N THR D 76 -30.90 -11.32 -18.99
CA THR D 76 -31.84 -12.33 -19.45
C THR D 76 -31.66 -12.68 -20.91
N LYS D 77 -31.19 -11.73 -21.70
CA LYS D 77 -31.24 -11.79 -23.16
C LYS D 77 -30.59 -13.02 -23.80
N PRO D 78 -29.24 -13.20 -23.81
CA PRO D 78 -28.71 -14.37 -24.53
C PRO D 78 -29.07 -15.62 -23.76
N GLN D 79 -28.72 -15.56 -22.48
CA GLN D 79 -28.93 -16.59 -21.48
C GLN D 79 -29.04 -15.86 -20.14
N LEU D 80 -29.58 -16.54 -19.13
CA LEU D 80 -29.67 -15.91 -17.82
C LEU D 80 -28.29 -15.93 -17.16
N ALA D 81 -27.96 -14.81 -16.50
CA ALA D 81 -26.63 -14.58 -15.98
C ALA D 81 -26.70 -13.60 -14.81
N ILE D 82 -25.93 -13.91 -13.77
CA ILE D 82 -25.70 -13.02 -12.64
C ILE D 82 -24.28 -12.49 -12.77
N VAL D 83 -24.09 -11.19 -12.60
CA VAL D 83 -22.78 -10.58 -12.78
C VAL D 83 -22.40 -9.88 -11.48
N THR D 84 -21.15 -10.11 -11.05
CA THR D 84 -20.63 -9.56 -9.80
C THR D 84 -19.30 -8.86 -10.06
N GLN D 85 -18.79 -8.26 -8.98
CA GLN D 85 -17.45 -7.73 -8.98
C GLN D 85 -16.45 -8.85 -9.22
N TRP D 86 -15.32 -8.51 -9.81
CA TRP D 86 -14.28 -9.49 -10.03
C TRP D 86 -13.33 -9.51 -8.85
N CYS D 87 -12.94 -10.72 -8.44
CA CYS D 87 -12.01 -10.91 -7.34
C CYS D 87 -10.74 -11.57 -7.87
N GLU D 88 -9.69 -10.78 -8.01
CA GLU D 88 -8.39 -11.34 -8.31
C GLU D 88 -7.91 -12.12 -7.10
N GLY D 89 -7.63 -13.40 -7.30
CA GLY D 89 -7.20 -14.29 -6.26
C GLY D 89 -7.95 -15.58 -6.35
N SER D 90 -7.94 -16.32 -5.26
CA SER D 90 -8.51 -17.65 -5.25
C SER D 90 -9.50 -17.76 -4.10
N SER D 91 -10.27 -18.84 -4.11
CA SER D 91 -11.15 -19.09 -2.99
C SER D 91 -10.32 -19.51 -1.79
N LEU D 92 -10.90 -19.40 -0.60
CA LEU D 92 -10.15 -19.78 0.58
C LEU D 92 -9.91 -21.28 0.58
N TYR D 93 -10.79 -22.03 -0.10
CA TYR D 93 -10.57 -23.46 -0.27
C TYR D 93 -9.28 -23.71 -1.02
N HIS D 94 -9.04 -22.96 -2.09
CA HIS D 94 -7.82 -23.09 -2.86
C HIS D 94 -6.59 -22.77 -2.01
N HIS D 95 -6.64 -21.66 -1.26
CA HIS D 95 -5.52 -21.27 -0.43
C HIS D 95 -5.22 -22.30 0.66
N LEU D 96 -6.26 -22.87 1.27
CA LEU D 96 -6.02 -23.76 2.41
C LEU D 96 -5.62 -25.17 1.99
N HIS D 97 -6.25 -25.72 0.95
CA HIS D 97 -6.05 -27.14 0.66
C HIS D 97 -5.44 -27.43 -0.71
N ALA D 98 -5.22 -26.41 -1.55
CA ALA D 98 -4.69 -26.62 -2.89
C ALA D 98 -3.32 -26.01 -3.11
N SER D 99 -2.97 -24.96 -2.37
CA SER D 99 -1.63 -24.41 -2.38
C SER D 99 -0.97 -24.42 -1.02
N GLU D 100 -1.71 -24.66 0.06
CA GLU D 100 -1.21 -24.56 1.43
C GLU D 100 -0.48 -23.24 1.64
N THR D 101 -1.08 -22.17 1.14
CA THR D 101 -0.57 -20.83 1.33
C THR D 101 -0.38 -20.59 2.81
N LYS D 102 0.82 -20.21 3.21
CA LYS D 102 1.09 -20.09 4.63
C LYS D 102 0.47 -18.79 5.08
N PHE D 103 -0.70 -18.90 5.71
CA PHE D 103 -1.34 -17.76 6.32
C PHE D 103 -0.85 -17.65 7.74
N GLU D 104 -0.58 -16.43 8.18
CA GLU D 104 -0.25 -16.27 9.57
C GLU D 104 -1.52 -16.42 10.39
N MET D 105 -1.37 -16.79 11.66
CA MET D 105 -2.54 -16.95 12.52
C MET D 105 -3.32 -15.64 12.62
N LYS D 106 -2.62 -14.52 12.56
CA LYS D 106 -3.30 -13.22 12.58
C LYS D 106 -4.21 -13.05 11.36
N LYS D 107 -3.71 -13.39 10.17
CA LYS D 107 -4.56 -13.25 8.99
C LYS D 107 -5.70 -14.28 9.00
N LEU D 108 -5.46 -15.46 9.58
CA LEU D 108 -6.53 -16.44 9.73
C LEU D 108 -7.63 -15.91 10.63
N ILE D 109 -7.25 -15.28 11.75
CA ILE D 109 -8.24 -14.64 12.62
C ILE D 109 -9.01 -13.57 11.85
N ASP D 110 -8.30 -12.75 11.06
CA ASP D 110 -8.98 -11.69 10.32
C ASP D 110 -9.94 -12.26 9.28
N ILE D 111 -9.55 -13.34 8.61
CA ILE D 111 -10.43 -13.97 7.63
C ILE D 111 -11.70 -14.47 8.30
N ALA D 112 -11.55 -15.13 9.46
CA ALA D 112 -12.73 -15.58 10.20
C ALA D 112 -13.59 -14.40 10.61
N ARG D 113 -12.97 -13.31 11.04
CA ARG D 113 -13.74 -12.15 11.49
C ARG D 113 -14.54 -11.54 10.34
N GLN D 114 -13.93 -11.47 9.15
CA GLN D 114 -14.65 -10.88 8.02
C GLN D 114 -15.78 -11.81 7.56
N THR D 115 -15.54 -13.12 7.58
CA THR D 115 -16.62 -14.06 7.27
C THR D 115 -17.77 -13.90 8.26
N ALA D 116 -17.43 -13.74 9.55
CA ALA D 116 -18.45 -13.53 10.57
C ALA D 116 -19.21 -12.23 10.34
N ARG D 117 -18.52 -11.19 9.88
CA ARG D 117 -19.22 -9.95 9.57
C ARG D 117 -20.21 -10.16 8.42
N GLY D 118 -19.80 -10.92 7.41
CA GLY D 118 -20.68 -11.18 6.28
C GLY D 118 -21.93 -11.96 6.70
N MET D 119 -21.76 -12.97 7.55
CA MET D 119 -22.92 -13.75 7.94
C MET D 119 -23.75 -13.06 9.02
N ASP D 120 -23.14 -12.16 9.78
CA ASP D 120 -23.90 -11.29 10.67
C ASP D 120 -24.85 -10.43 9.85
N TYR D 121 -24.33 -9.79 8.81
CA TYR D 121 -25.15 -9.00 7.91
C TYR D 121 -26.27 -9.84 7.29
N LEU D 122 -25.92 -11.01 6.75
CA LEU D 122 -26.90 -11.85 6.09
C LEU D 122 -28.05 -12.22 7.04
N HIS D 123 -27.71 -12.68 8.24
CA HIS D 123 -28.76 -13.09 9.17
C HIS D 123 -29.56 -11.91 9.68
N ALA D 124 -28.94 -10.71 9.75
CA ALA D 124 -29.71 -9.54 10.15
C ALA D 124 -30.70 -9.12 9.07
N LYS D 125 -30.48 -9.52 7.81
CA LYS D 125 -31.51 -9.33 6.79
C LYS D 125 -32.31 -10.60 6.54
N SER D 126 -32.36 -11.53 7.49
CA SER D 126 -33.13 -12.77 7.41
C SER D 126 -32.78 -13.58 6.17
N ILE D 127 -31.48 -13.65 5.83
CA ILE D 127 -31.00 -14.43 4.71
C ILE D 127 -30.21 -15.62 5.23
N ILE D 128 -30.58 -16.81 4.81
CA ILE D 128 -29.84 -18.03 5.11
C ILE D 128 -29.11 -18.43 3.84
N HIS D 129 -27.80 -18.63 3.95
CA HIS D 129 -26.99 -18.92 2.77
C HIS D 129 -27.12 -20.38 2.37
N ARG D 130 -27.19 -21.28 3.35
CA ARG D 130 -27.44 -22.71 3.19
C ARG D 130 -26.37 -23.47 2.40
N ASP D 131 -25.30 -22.78 1.97
CA ASP D 131 -24.15 -23.48 1.40
C ASP D 131 -22.85 -22.77 1.77
N LEU D 132 -22.72 -22.27 2.99
CA LEU D 132 -21.49 -21.55 3.29
C LEU D 132 -20.37 -22.54 3.51
N LYS D 133 -19.32 -22.38 2.73
CA LYS D 133 -18.21 -23.28 2.63
C LYS D 133 -16.98 -22.49 2.21
N SER D 134 -15.79 -23.08 2.39
CA SER D 134 -14.57 -22.33 2.06
C SER D 134 -14.47 -21.99 0.58
N ASN D 135 -15.12 -22.77 -0.31
CA ASN D 135 -15.09 -22.41 -1.72
C ASN D 135 -15.97 -21.20 -2.02
N ASN D 136 -17.01 -20.95 -1.23
CA ASN D 136 -17.85 -19.79 -1.50
C ASN D 136 -17.35 -18.57 -0.76
N ILE D 137 -16.13 -18.62 -0.28
CA ILE D 137 -15.44 -17.48 0.32
C ILE D 137 -14.28 -17.15 -0.60
N PHE D 138 -14.29 -15.96 -1.15
CA PHE D 138 -13.29 -15.54 -2.10
C PHE D 138 -12.46 -14.42 -1.47
N LEU D 139 -11.18 -14.41 -1.75
CA LEU D 139 -10.34 -13.35 -1.22
C LEU D 139 -10.01 -12.40 -2.34
N HIS D 140 -10.45 -11.16 -2.17
CA HIS D 140 -10.17 -10.09 -3.10
C HIS D 140 -8.82 -9.54 -2.71
N GLU D 141 -7.86 -9.71 -3.63
CA GLU D 141 -6.52 -9.17 -3.47
C GLU D 141 -5.83 -9.76 -2.24
N ASP D 142 -6.12 -11.04 -1.96
CA ASP D 142 -5.69 -11.77 -0.78
C ASP D 142 -5.79 -10.95 0.50
N ASN D 143 -6.79 -10.08 0.60
CA ASN D 143 -6.93 -9.23 1.78
C ASN D 143 -8.36 -9.21 2.28
N THR D 144 -9.35 -9.22 1.39
CA THR D 144 -10.73 -9.02 1.81
C THR D 144 -11.54 -10.26 1.51
N VAL D 145 -12.41 -10.61 2.43
CA VAL D 145 -13.27 -11.77 2.26
C VAL D 145 -14.54 -11.32 1.59
N LYS D 146 -15.04 -12.14 0.67
CA LYS D 146 -16.25 -11.86 -0.08
C LYS D 146 -17.02 -13.18 -0.10
N ILE D 147 -18.16 -13.19 0.57
CA ILE D 147 -19.00 -14.37 0.59
C ILE D 147 -19.78 -14.35 -0.69
N GLY D 148 -19.75 -15.47 -1.40
CA GLY D 148 -20.39 -15.57 -2.68
C GLY D 148 -21.17 -16.85 -2.90
N ASP D 149 -21.83 -16.90 -4.04
CA ASP D 149 -22.64 -18.03 -4.47
C ASP D 149 -23.84 -18.28 -3.60
N PHE D 150 -24.82 -17.47 -3.92
CA PHE D 150 -26.14 -17.40 -3.31
C PHE D 150 -27.24 -18.18 -3.98
N GLY D 151 -26.87 -19.18 -4.73
CA GLY D 151 -27.85 -19.96 -5.48
C GLY D 151 -28.80 -20.79 -4.61
N LEU D 152 -28.33 -21.24 -3.45
CA LEU D 152 -29.13 -21.99 -2.50
C LEU D 152 -29.60 -21.15 -1.33
N ALA D 153 -29.48 -19.83 -1.43
CA ALA D 153 -29.87 -18.96 -0.34
C ALA D 153 -31.36 -18.67 -0.41
N THR D 154 -31.90 -18.22 0.72
CA THR D 154 -33.31 -17.88 0.78
C THR D 154 -33.51 -16.82 1.85
N VAL D 155 -34.66 -16.17 1.77
CA VAL D 155 -35.14 -15.34 2.86
C VAL D 155 -35.92 -16.21 3.83
N LYS D 156 -35.77 -15.94 5.11
CA LYS D 156 -36.47 -16.71 6.09
C LYS D 156 -37.92 -16.37 5.97
N SER D 157 -38.66 -17.27 5.37
CA SER D 157 -40.07 -17.07 5.17
C SER D 157 -40.82 -18.34 5.49
N ARG D 158 -42.11 -18.22 5.72
CA ARG D 158 -42.96 -19.35 6.03
C ARG D 158 -43.03 -20.36 4.90
N TRP D 159 -42.98 -19.88 3.66
CA TRP D 159 -43.07 -20.68 2.45
C TRP D 159 -41.70 -20.90 1.84
N SER D 160 -40.70 -20.92 2.70
CA SER D 160 -39.32 -21.02 2.29
C SER D 160 -38.95 -22.16 1.42
N GLY D 161 -38.14 -21.85 0.43
CA GLY D 161 -37.60 -22.83 -0.48
C GLY D 161 -38.59 -23.71 -1.20
N SER D 162 -38.30 -25.00 -1.12
CA SER D 162 -39.08 -26.00 -1.77
C SER D 162 -39.37 -27.11 -0.78
N GLU D 166 -33.41 -28.22 -4.51
CA GLU D 166 -32.05 -27.93 -4.09
C GLU D 166 -31.14 -29.11 -4.39
N GLN D 167 -29.96 -28.82 -4.94
CA GLN D 167 -29.02 -29.88 -5.26
C GLN D 167 -27.84 -29.84 -4.31
N LEU D 168 -28.04 -30.41 -3.12
CA LEU D 168 -26.97 -30.43 -2.11
C LEU D 168 -25.65 -30.97 -2.65
N SER D 169 -25.73 -32.05 -3.43
CA SER D 169 -24.56 -32.67 -4.06
C SER D 169 -23.40 -33.10 -3.14
N GLY D 170 -22.18 -33.02 -3.68
CA GLY D 170 -20.97 -33.43 -2.99
C GLY D 170 -20.40 -32.66 -1.80
N SER D 171 -20.52 -31.34 -1.81
CA SER D 171 -20.01 -30.53 -0.71
C SER D 171 -20.94 -30.64 0.49
N ILE D 172 -20.65 -31.60 1.35
CA ILE D 172 -21.46 -31.91 2.51
C ILE D 172 -20.77 -31.79 3.84
N LEU D 173 -19.50 -31.48 3.85
CA LEU D 173 -18.77 -31.40 5.08
C LEU D 173 -19.30 -30.34 6.01
N TRP D 174 -19.71 -29.22 5.45
CA TRP D 174 -20.27 -28.16 6.19
C TRP D 174 -21.72 -28.38 6.60
N MET D 175 -22.34 -29.47 6.18
CA MET D 175 -23.73 -29.70 6.53
C MET D 175 -23.86 -30.16 7.98
N ALA D 176 -24.73 -29.48 8.72
CA ALA D 176 -24.98 -29.81 10.12
C ALA D 176 -25.75 -31.12 10.22
N PRO D 177 -25.63 -31.82 11.37
CA PRO D 177 -26.34 -33.11 11.53
C PRO D 177 -27.81 -33.08 11.17
N GLU D 178 -28.56 -32.04 11.60
CA GLU D 178 -29.97 -31.95 11.23
C GLU D 178 -30.16 -31.87 9.72
N VAL D 179 -29.25 -31.22 9.02
CA VAL D 179 -29.34 -31.12 7.57
C VAL D 179 -29.02 -32.47 6.93
N ILE D 180 -28.18 -33.27 7.59
CA ILE D 180 -27.84 -34.58 7.05
C ILE D 180 -29.00 -35.55 7.23
N ARG D 181 -29.59 -35.53 8.41
CA ARG D 181 -30.69 -36.42 8.75
C ARG D 181 -31.97 -36.18 7.98
N MET D 182 -32.20 -34.92 7.59
CA MET D 182 -33.41 -34.50 6.90
C MET D 182 -34.66 -35.06 7.58
N GLN D 183 -34.78 -34.78 8.90
CA GLN D 183 -35.95 -35.24 9.63
C GLN D 183 -36.75 -34.18 10.39
N ASP D 184 -36.26 -32.95 10.56
CA ASP D 184 -37.00 -31.91 11.27
C ASP D 184 -37.70 -30.88 10.36
N SER D 185 -38.41 -29.96 11.02
CA SER D 185 -39.25 -28.97 10.37
C SER D 185 -38.51 -28.22 9.27
N ASN D 186 -37.42 -27.56 9.61
CA ASN D 186 -36.61 -26.84 8.62
C ASN D 186 -35.18 -27.29 8.84
N PRO D 187 -34.64 -28.20 8.01
CA PRO D 187 -33.26 -28.63 8.27
C PRO D 187 -32.27 -27.48 8.11
N TYR D 188 -32.56 -26.54 7.22
CA TYR D 188 -31.72 -25.36 7.06
C TYR D 188 -32.25 -24.25 7.96
N SER D 189 -31.33 -23.53 8.59
CA SER D 189 -31.72 -22.44 9.49
C SER D 189 -30.48 -21.59 9.73
N PHE D 190 -30.63 -20.62 10.64
CA PHE D 190 -29.47 -19.83 11.06
C PHE D 190 -28.44 -20.73 11.73
N GLN D 191 -28.89 -21.73 12.49
CA GLN D 191 -27.98 -22.65 13.16
C GLN D 191 -27.26 -23.58 12.19
N SER D 192 -27.91 -23.95 11.08
CA SER D 192 -27.20 -24.71 10.05
C SER D 192 -26.07 -23.88 9.43
N ASP D 193 -26.32 -22.58 9.25
CA ASP D 193 -25.26 -21.69 8.80
C ASP D 193 -24.17 -21.57 9.84
N VAL D 194 -24.53 -21.49 11.12
CA VAL D 194 -23.53 -21.40 12.18
C VAL D 194 -22.63 -22.64 12.19
N TYR D 195 -23.21 -23.83 11.93
CA TYR D 195 -22.39 -25.05 11.89
C TYR D 195 -21.47 -25.06 10.67
N ALA D 196 -21.99 -24.59 9.54
CA ALA D 196 -21.11 -24.44 8.38
C ALA D 196 -19.95 -23.49 8.70
N PHE D 197 -20.24 -22.39 9.40
CA PHE D 197 -19.19 -21.49 9.84
C PHE D 197 -18.21 -22.19 10.77
N GLY D 198 -18.72 -23.01 11.68
CA GLY D 198 -17.83 -23.79 12.54
C GLY D 198 -16.86 -24.64 11.74
N ILE D 199 -17.36 -25.27 10.67
CA ILE D 199 -16.46 -26.08 9.84
C ILE D 199 -15.43 -25.21 9.13
N VAL D 200 -15.82 -24.03 8.66
CA VAL D 200 -14.80 -23.19 8.00
C VAL D 200 -13.77 -22.69 9.01
N LEU D 201 -14.16 -22.42 10.28
CA LEU D 201 -13.10 -22.13 11.25
C LEU D 201 -12.24 -23.35 11.52
N TYR D 202 -12.82 -24.53 11.48
CA TYR D 202 -11.99 -25.73 11.60
C TYR D 202 -10.93 -25.74 10.52
N GLU D 203 -11.32 -25.48 9.28
CA GLU D 203 -10.36 -25.46 8.19
C GLU D 203 -9.31 -24.37 8.40
N LEU D 204 -9.74 -23.21 8.88
CA LEU D 204 -8.81 -22.12 9.11
C LEU D 204 -7.80 -22.46 10.21
N MET D 205 -8.24 -23.14 11.27
CA MET D 205 -7.39 -23.37 12.44
C MET D 205 -6.58 -24.66 12.39
N THR D 206 -6.99 -25.64 11.59
CA THR D 206 -6.23 -26.88 11.42
C THR D 206 -5.37 -26.86 10.16
N GLY D 207 -5.87 -26.25 9.09
CA GLY D 207 -5.23 -26.26 7.80
C GLY D 207 -5.73 -27.31 6.86
N GLN D 208 -6.61 -28.20 7.32
CA GLN D 208 -7.11 -29.32 6.55
C GLN D 208 -8.62 -29.40 6.69
N LEU D 209 -9.22 -30.25 5.85
CA LEU D 209 -10.65 -30.53 5.93
C LEU D 209 -10.94 -31.45 7.11
N PRO D 210 -12.17 -31.41 7.64
CA PRO D 210 -12.52 -32.30 8.74
C PRO D 210 -12.71 -33.72 8.24
N TYR D 211 -12.68 -34.64 9.20
CA TYR D 211 -12.83 -36.07 8.98
C TYR D 211 -11.83 -36.51 7.95
N SER D 212 -10.71 -35.81 7.90
CA SER D 212 -9.68 -36.12 6.94
C SER D 212 -9.03 -37.46 7.07
N ASN D 213 -8.66 -37.83 8.27
CA ASN D 213 -8.01 -39.10 8.46
C ASN D 213 -8.98 -40.19 8.75
N ILE D 214 -9.83 -40.53 7.80
CA ILE D 214 -10.71 -41.63 8.05
C ILE D 214 -10.60 -42.61 6.91
N ASN D 215 -10.89 -43.85 7.26
CA ASN D 215 -10.78 -45.01 6.41
C ASN D 215 -11.85 -45.17 5.34
N ASN D 216 -13.12 -44.95 5.69
CA ASN D 216 -14.21 -45.15 4.75
C ASN D 216 -14.83 -43.84 4.43
N ARG D 217 -15.49 -43.70 3.29
CA ARG D 217 -16.08 -42.41 3.00
C ARG D 217 -17.62 -42.27 3.01
N ASP D 218 -18.36 -43.28 2.57
CA ASP D 218 -19.82 -43.13 2.59
C ASP D 218 -20.44 -43.15 3.96
N GLN D 219 -19.94 -43.99 4.85
CA GLN D 219 -20.51 -44.07 6.19
C GLN D 219 -20.39 -42.76 6.96
N ILE D 220 -19.29 -42.04 6.69
CA ILE D 220 -18.95 -40.74 7.27
C ILE D 220 -20.16 -39.91 7.42
N ILE D 221 -20.97 -39.95 6.39
CA ILE D 221 -22.21 -39.23 6.51
C ILE D 221 -23.07 -39.76 7.64
N GLU D 222 -23.27 -41.07 7.60
CA GLU D 222 -24.04 -41.77 8.54
C GLU D 222 -23.51 -41.47 9.94
N MET D 223 -22.20 -41.50 10.12
CA MET D 223 -21.61 -41.21 11.42
C MET D 223 -21.92 -39.80 11.86
N VAL D 224 -21.81 -38.83 10.95
CA VAL D 224 -22.14 -37.44 11.30
C VAL D 224 -23.59 -37.30 11.53
N GLY D 225 -24.39 -38.03 10.74
CA GLY D 225 -25.82 -37.98 10.88
C GLY D 225 -26.17 -38.51 12.24
N ARG D 226 -25.53 -39.61 12.57
CA ARG D 226 -25.74 -40.24 13.84
C ARG D 226 -25.31 -39.38 15.02
N GLY D 227 -24.19 -38.70 14.90
CA GLY D 227 -23.68 -37.92 16.00
C GLY D 227 -22.44 -38.64 16.47
N SER D 228 -22.23 -39.77 15.85
CA SER D 228 -21.09 -40.64 16.09
C SER D 228 -19.76 -39.96 15.75
N LEU D 229 -19.75 -39.06 14.76
CA LEU D 229 -18.52 -38.43 14.31
C LEU D 229 -18.68 -36.92 14.38
N SER D 230 -17.65 -36.25 14.87
CA SER D 230 -17.56 -34.80 14.94
C SER D 230 -16.15 -34.43 14.51
N PRO D 231 -15.92 -33.18 14.10
CA PRO D 231 -14.57 -32.78 13.71
C PRO D 231 -13.58 -33.06 14.84
N ASP D 232 -12.38 -33.44 14.46
CA ASP D 232 -11.33 -33.72 15.43
C ASP D 232 -10.72 -32.37 15.84
N LEU D 233 -11.19 -31.82 16.96
CA LEU D 233 -10.68 -30.54 17.44
C LEU D 233 -9.26 -30.65 17.99
N SER D 234 -8.69 -31.85 18.00
CA SER D 234 -7.32 -32.01 18.48
C SER D 234 -6.30 -31.68 17.40
N LYS D 235 -6.74 -31.42 16.17
CA LYS D 235 -5.83 -31.03 15.10
C LYS D 235 -5.77 -29.53 14.90
N VAL D 236 -6.31 -28.76 15.85
CA VAL D 236 -6.14 -27.31 15.80
C VAL D 236 -4.73 -26.96 16.25
N ARG D 237 -4.09 -26.06 15.52
CA ARG D 237 -2.71 -25.72 15.87
C ARG D 237 -2.61 -24.90 17.13
N SER D 238 -1.43 -24.98 17.77
CA SER D 238 -1.21 -24.47 19.12
C SER D 238 -1.28 -22.96 19.17
N ASN D 239 -1.03 -22.26 18.06
CA ASN D 239 -1.11 -20.81 18.08
C ASN D 239 -2.54 -20.32 17.90
N CYS D 240 -3.50 -21.21 17.70
CA CYS D 240 -4.90 -20.82 17.62
C CYS D 240 -5.39 -20.41 19.00
N PRO D 241 -5.87 -19.18 19.18
CA PRO D 241 -6.31 -18.72 20.50
C PRO D 241 -7.35 -19.65 21.13
N LYS D 242 -7.32 -19.70 22.47
CA LYS D 242 -8.22 -20.58 23.19
C LYS D 242 -9.68 -20.16 23.02
N ARG D 243 -9.93 -18.85 23.00
CA ARG D 243 -11.29 -18.38 22.77
C ARG D 243 -11.79 -18.82 21.40
N MET D 244 -10.91 -18.83 20.40
CA MET D 244 -11.31 -19.24 19.06
C MET D 244 -11.66 -20.72 19.02
N LYS D 245 -10.87 -21.56 19.71
CA LYS D 245 -11.20 -22.99 19.72
C LYS D 245 -12.49 -23.25 20.47
N ARG D 246 -12.71 -22.56 21.60
CA ARG D 246 -13.99 -22.69 22.30
C ARG D 246 -15.14 -22.24 21.40
N LEU D 247 -14.97 -21.12 20.70
CA LEU D 247 -16.01 -20.62 19.81
C LEU D 247 -16.33 -21.61 18.70
N MET D 248 -15.30 -22.22 18.09
CA MET D 248 -15.60 -23.19 17.04
C MET D 248 -16.33 -24.39 17.62
N ALA D 249 -15.93 -24.85 18.81
CA ALA D 249 -16.68 -25.93 19.46
C ALA D 249 -18.13 -25.54 19.64
N GLU D 250 -18.38 -24.28 20.02
CA GLU D 250 -19.75 -23.79 20.20
C GLU D 250 -20.51 -23.81 18.88
N CYS D 251 -19.84 -23.47 17.78
CA CYS D 251 -20.53 -23.44 16.49
C CYS D 251 -20.75 -24.85 15.93
N LEU D 252 -20.08 -25.86 16.48
CA LEU D 252 -20.17 -27.20 15.97
C LEU D 252 -21.02 -28.11 16.85
N LYS D 253 -21.67 -27.58 17.88
CA LYS D 253 -22.35 -28.46 18.82
C LYS D 253 -23.55 -29.11 18.15
N LYS D 254 -23.75 -30.39 18.46
CA LYS D 254 -24.61 -31.24 17.65
C LYS D 254 -26.09 -30.84 17.65
N LYS D 255 -26.62 -30.27 18.74
CA LYS D 255 -28.02 -29.87 18.77
C LYS D 255 -28.10 -28.38 18.50
N ARG D 256 -28.92 -28.02 17.51
CA ARG D 256 -29.00 -26.67 16.97
C ARG D 256 -29.15 -25.59 18.03
N ASP D 257 -29.93 -25.87 19.08
CA ASP D 257 -30.37 -24.79 19.95
C ASP D 257 -29.30 -24.31 20.90
N GLU D 258 -28.23 -25.08 21.09
CA GLU D 258 -27.12 -24.62 21.92
C GLU D 258 -26.03 -23.93 21.12
N ARG D 259 -26.17 -23.86 19.80
CA ARG D 259 -25.19 -23.12 19.02
C ARG D 259 -25.46 -21.62 19.10
N PRO D 260 -24.41 -20.81 19.14
CA PRO D 260 -24.60 -19.35 19.24
C PRO D 260 -25.06 -18.72 17.92
N SER D 261 -25.52 -17.48 18.05
CA SER D 261 -25.95 -16.67 16.93
C SER D 261 -24.81 -15.76 16.48
N PHE D 262 -24.90 -15.32 15.22
CA PHE D 262 -23.81 -14.53 14.65
C PHE D 262 -23.55 -13.18 15.31
N PRO D 263 -24.50 -12.46 15.93
CA PRO D 263 -24.10 -11.23 16.62
C PRO D 263 -23.03 -11.48 17.67
N ARG D 264 -23.20 -12.53 18.49
CA ARG D 264 -22.24 -12.83 19.55
C ARG D 264 -21.04 -13.61 19.04
N ILE D 265 -21.20 -14.39 17.95
CA ILE D 265 -20.02 -14.95 17.30
C ILE D 265 -19.12 -13.82 16.82
N LEU D 266 -19.71 -12.80 16.20
CA LEU D 266 -18.96 -11.66 15.72
C LEU D 266 -18.31 -10.91 16.87
N ALA D 267 -19.08 -10.66 17.94
CA ALA D 267 -18.52 -9.94 19.08
C ALA D 267 -17.36 -10.71 19.69
N GLU D 268 -17.46 -12.03 19.74
CA GLU D 268 -16.38 -12.84 20.31
C GLU D 268 -15.16 -12.83 19.41
N ILE D 269 -15.35 -12.90 18.08
CA ILE D 269 -14.18 -12.85 17.22
C ILE D 269 -13.54 -11.46 17.24
N GLU D 270 -14.35 -10.42 17.39
CA GLU D 270 -13.81 -9.07 17.41
C GLU D 270 -13.00 -8.85 18.67
N GLU D 271 -13.53 -9.28 19.82
CA GLU D 271 -12.84 -9.11 21.09
C GLU D 271 -11.58 -9.96 21.19
N LEU D 272 -11.63 -11.24 20.79
CA LEU D 272 -10.41 -12.03 20.95
C LEU D 272 -9.35 -11.58 19.96
N ALA D 273 -9.75 -11.05 18.79
CA ALA D 273 -8.75 -10.58 17.84
C ALA D 273 -7.95 -9.39 18.40
N ARG D 274 -8.55 -8.61 19.30
CA ARG D 274 -7.85 -7.49 19.93
C ARG D 274 -6.81 -7.90 20.97
N GLU D 275 -6.84 -9.15 21.45
CA GLU D 275 -5.88 -9.61 22.46
C GLU D 275 -4.63 -10.24 21.88
N LEU D 276 -4.51 -10.32 20.58
CA LEU D 276 -3.32 -10.88 19.94
C LEU D 276 -2.25 -9.80 19.80
N PRO D 277 -0.96 -10.17 19.87
CA PRO D 277 0.07 -9.14 19.86
C PRO D 277 0.04 -8.34 18.57
N LYS D 278 0.24 -7.05 18.71
CA LYS D 278 0.25 -6.19 17.56
C LYS D 278 1.44 -6.54 16.66
N ILE D 279 1.25 -6.47 15.37
CA ILE D 279 2.34 -6.80 14.46
C ILE D 279 3.13 -5.56 14.02
N HIS D 280 2.54 -4.38 14.11
CA HIS D 280 3.18 -3.14 13.69
C HIS D 280 3.61 -2.33 14.90
N ARG D 281 4.30 -1.23 14.62
CA ARG D 281 4.61 -0.27 15.65
C ARG D 281 3.85 1.02 15.36
N SER D 282 3.79 1.88 16.37
CA SER D 282 3.12 3.15 16.24
C SER D 282 3.83 4.02 15.19
N ALA D 283 3.17 5.07 14.77
CA ALA D 283 3.77 5.92 13.81
C ALA D 283 4.06 7.20 14.49
N SEP D 284 5.22 7.76 14.22
CA SEP D 284 5.58 9.01 14.79
CB SEP D 284 6.88 8.94 15.56
OG SEP D 284 7.85 8.20 14.87
C SEP D 284 5.63 10.04 13.75
O SEP D 284 5.48 9.78 12.56
P SEP D 284 9.27 8.19 15.44
O1P SEP D 284 9.21 7.13 16.41
O2P SEP D 284 10.09 7.81 14.34
O3P SEP D 284 9.43 9.56 15.88
N GLU D 285 5.73 11.27 14.18
CA GLU D 285 5.81 12.39 13.29
C GLU D 285 6.92 12.20 12.31
N PRO D 286 6.62 12.31 11.03
CA PRO D 286 7.60 12.15 9.96
C PRO D 286 8.38 13.44 9.73
N SER D 287 9.29 13.38 8.75
CA SER D 287 10.07 14.56 8.39
C SER D 287 9.31 15.43 7.40
N LEU D 288 9.15 16.70 7.76
CA LEU D 288 8.39 17.66 6.98
C LEU D 288 8.98 17.79 5.60
C1 29L E . -16.96 11.68 2.95
C2 29L E . -18.22 11.60 2.41
C3 29L E . -19.06 10.52 2.74
C4 29L E . -18.61 9.53 3.61
C5 29L E . -17.33 9.61 4.14
C6 29L E . -16.49 10.67 3.81
C7 29L E . -15.13 10.81 4.37
C8 29L E . -14.58 12.02 4.66
N9 29L E . -13.36 11.83 5.17
N10 29L E . -13.12 10.45 5.22
C11 29L E . -14.16 9.82 4.74
C12 29L E . -14.23 8.33 4.64
C13 29L E . -14.79 7.68 3.54
C14 29L E . -14.82 6.30 3.52
N15 29L E . -14.31 5.60 4.52
C16 29L E . -13.76 6.18 5.58
C17 29L E . -13.70 7.54 5.67
C18 29L E . -12.43 12.88 5.60
C19 29L E . -11.19 12.76 4.74
O20 29L E . -11.53 13.03 3.38
C21 29L E . -19.68 8.49 3.81
C22 29L E . -20.94 9.08 3.17
C23 29L E . -20.44 10.22 2.31
N24 29L E . -21.05 10.72 1.28
O25 29L E . -22.42 10.45 1.06
C1 29L F . -19.10 -18.27 -8.02
C2 29L F . -20.39 -17.83 -7.95
C3 29L F . -20.76 -16.64 -8.58
C4 29L F . -19.80 -15.89 -9.27
C5 29L F . -18.49 -16.35 -9.35
C6 29L F . -18.14 -17.54 -8.71
C7 29L F . -16.76 -18.09 -8.77
C8 29L F . -16.54 -19.43 -8.89
N9 29L F . -15.23 -19.66 -8.92
N10 29L F . -14.57 -18.43 -8.82
C11 29L F . -15.47 -17.47 -8.74
C12 29L F . -15.10 -16.04 -8.63
C13 29L F . -15.83 -15.12 -7.85
C14 29L F . -15.41 -13.80 -7.81
N15 29L F . -14.33 -13.41 -8.48
C16 29L F . -13.61 -14.24 -9.22
C17 29L F . -13.97 -15.57 -9.32
C18 29L F . -14.59 -20.97 -9.03
C19 29L F . -13.92 -21.32 -7.69
O20 29L F . -14.44 -22.56 -7.22
C21 29L F . -20.45 -14.66 -9.86
C22 29L F . -21.96 -14.82 -9.60
C23 29L F . -22.08 -15.97 -8.63
N24 29L F . -23.08 -16.24 -7.87
O25 29L F . -24.37 -15.74 -8.20
#